data_3KYD
#
_entry.id   3KYD
#
_cell.length_a   101.717
_cell.length_b   115.608
_cell.length_c   90.837
_cell.angle_alpha   90.000
_cell.angle_beta   90.000
_cell.angle_gamma   90.000
#
_symmetry.space_group_name_H-M   'P 21 21 2'
#
loop_
_entity.id
_entity.type
_entity.pdbx_description
1 polymer 'SUMO-activating enzyme subunit 1'
2 polymer 'SUMO-activating enzyme subunit 2'
3 polymer 'Small ubiquitin-related modifier 1'
4 non-polymer 1,2-ETHANEDIOL
5 non-polymer 'ZINC ION'
6 non-polymer "5'-{[(3-aminopropyl)sulfonyl]amino}-5'-deoxyadenosine"
7 water water
#
loop_
_entity_poly.entity_id
_entity_poly.type
_entity_poly.pdbx_seq_one_letter_code
_entity_poly.pdbx_strand_id
1 'polypeptide(L)'
;MVEKEEAGGGISEEEAAQYDRQIRLWGLEAQKRLRASRVLLVGLKGLGAEIAKNLILAGVKGLTMLDHEQVTPEDPGAQF
LIRTGSVGRNRAEASLERAQNLNPMVDVKVDTEDIEKKPESFFTQFDAVCLTCCSRDVIVKVDQICHKNSIKFFTGDVFG
YHGYTFANLGEHEFVEEKTKVAKVSQGVEDGPDTKRAKLDSSETTMVKKKVVFCPVKEALEVDWSSEKAKAALKRTTSDY
FLLQVLLKFRTDKGRDPSSDTYEEDSELLLQIRNDVLDSLGISPDLLPEDFVRYCFSEMAPVCAVVGGILAQEIVKALSQ
RDPPHNNFFFFDGMKGNGIVECLGPK
;
A
2 'polypeptide(L)'
;SLMALSRGLPRELAEAVAGGRVLVVGAGGIGCELLKNLVLTGFSHIDLIDLDTIDVSNLNRQFLFQKKHVGRSKAQVAKE
SVLQFYPKANIVAYHDSIMNPDYNVEFFRQFILVMNALDNRAARNHVNRMCLAADVPLIESGTAGYLGQVTTIKKGVTEC
YECHPKPTQRTFPGCTIRNTPSEPIHCIVWAKYLFNQLFGEEDADQEVSPDRADPEAAWEPTEAEARARACNEDGDIKRI
STKEWAKSTGYDPVKLFTKLFKDDIRYLLTMDKLWRKRKPPVPLDWAEVQSQGEETNASDQQNEPQLGLKDQQVLDVKSY
ARLFSKSIETLRVHLAEKGDGAELIWDKDDPSAMDFVTSAANLRMHIFSMNMKSRFDIKSMAGNIIPAIATTNAVIAGLI
VLEGLKILSGKIDQCRTIFLNKQPNPRKKLLVPCALDPPNPNCYVCASKPEVTVRLNVHKVTVLTLQDKIVKEKFAMVAP
DVQIEDGKGTILISSEEGETEANNHKKLSEFGIRNGSRLQADDFLQDYTLLINILHSEDLGKDVEFEVVGD
;
B
3 'polypeptide(L)'
;MGSSHHHHHHSSGLVPRSHMSDQEAKPSTEDLGDKKEGEYIKLKVIGQDSSEIHFKVKMTTHLKKLKESYCQRQGVPMNS
LRFLFEGQRIADNHTPKELGMEEEDVIEVYQEQCG
;
D
#
# COMPACT_ATOMS: atom_id res chain seq x y z
N LEU A 25 14.61 -7.59 24.56
CA LEU A 25 13.87 -8.73 25.17
C LEU A 25 12.63 -9.09 24.35
N TRP A 26 12.10 -8.10 23.63
CA TRP A 26 10.96 -8.31 22.74
C TRP A 26 11.04 -7.34 21.56
N GLY A 27 10.12 -7.47 20.61
CA GLY A 27 9.98 -6.52 19.50
C GLY A 27 9.59 -5.12 19.94
N LEU A 28 9.27 -4.98 21.23
CA LEU A 28 8.97 -3.69 21.84
C LEU A 28 10.27 -2.94 22.16
N GLU A 29 11.35 -3.70 22.35
CA GLU A 29 12.68 -3.14 22.57
C GLU A 29 13.23 -2.54 21.27
N ALA A 30 12.89 -3.17 20.15
CA ALA A 30 13.23 -2.67 18.83
C ALA A 30 12.54 -1.33 18.54
N GLN A 31 11.35 -1.16 19.11
CA GLN A 31 10.59 0.08 19.00
C GLN A 31 11.29 1.22 19.74
N LYS A 32 11.72 0.97 20.98
CA LYS A 32 12.38 1.98 21.79
C LYS A 32 13.79 2.29 21.29
N ARG A 33 14.40 1.33 20.60
CA ARG A 33 15.73 1.50 20.05
C ARG A 33 15.70 2.48 18.87
N LEU A 34 14.63 2.43 18.08
CA LEU A 34 14.41 3.38 16.99
C LEU A 34 14.10 4.77 17.55
N ARG A 35 13.25 4.82 18.57
CA ARG A 35 12.79 6.07 19.16
C ARG A 35 13.87 6.79 19.97
N ALA A 36 15.03 6.15 20.08
CA ALA A 36 16.18 6.73 20.78
C ALA A 36 17.32 7.08 19.82
N SER A 37 17.08 6.90 18.52
CA SER A 37 18.11 7.07 17.50
C SER A 37 18.15 8.45 16.85
N ARG A 38 19.36 8.95 16.63
CA ARG A 38 19.59 10.21 15.89
C ARG A 38 20.22 9.95 14.53
N VAL A 39 19.60 10.49 13.48
CA VAL A 39 20.05 10.27 12.12
C VAL A 39 20.54 11.57 11.47
N LEU A 40 21.62 11.47 10.71
CA LEU A 40 22.12 12.57 9.93
C LEU A 40 21.74 12.32 8.48
N LEU A 41 21.05 13.28 7.88
CA LEU A 41 20.69 13.21 6.47
C LEU A 41 21.37 14.35 5.72
N VAL A 42 22.17 14.00 4.71
CA VAL A 42 22.86 14.97 3.88
C VAL A 42 22.19 15.03 2.51
N GLY A 43 21.85 16.25 2.08
CA GLY A 43 21.25 16.48 0.78
C GLY A 43 19.74 16.55 0.85
N LEU A 44 19.20 17.77 0.82
CA LEU A 44 17.76 17.98 0.93
C LEU A 44 17.09 18.38 -0.38
N LYS A 45 17.36 17.61 -1.43
CA LYS A 45 16.61 17.74 -2.68
C LYS A 45 15.46 16.71 -2.65
N GLY A 46 15.01 16.27 -3.82
CA GLY A 46 13.89 15.33 -3.92
C GLY A 46 13.98 14.11 -3.02
N LEU A 47 15.09 13.39 -3.14
CA LEU A 47 15.29 12.14 -2.39
C LEU A 47 15.41 12.36 -0.87
N GLY A 48 16.18 13.36 -0.48
CA GLY A 48 16.35 13.71 0.94
C GLY A 48 15.06 14.15 1.59
N ALA A 49 14.26 14.93 0.85
CA ALA A 49 12.91 15.31 1.28
C ALA A 49 12.09 14.07 1.65
N GLU A 50 12.09 13.08 0.75
CA GLU A 50 11.36 11.83 0.96
C GLU A 50 11.86 11.05 2.17
N ILE A 51 13.19 10.96 2.30
CA ILE A 51 13.85 10.23 3.38
C ILE A 51 13.55 10.89 4.73
N ALA A 52 13.73 12.21 4.80
CA ALA A 52 13.41 12.98 6.00
C ALA A 52 11.96 12.72 6.42
N LYS A 53 11.02 12.96 5.50
CA LYS A 53 9.60 12.76 5.76
C LYS A 53 9.29 11.36 6.32
N ASN A 54 9.91 10.34 5.75
CA ASN A 54 9.69 8.97 6.18
C ASN A 54 10.23 8.70 7.57
N LEU A 55 11.49 9.07 7.80
CA LEU A 55 12.14 8.87 9.11
C LEU A 55 11.48 9.68 10.22
N ILE A 56 11.08 10.91 9.92
CA ILE A 56 10.43 11.78 10.91
C ILE A 56 9.10 11.15 11.36
N LEU A 57 8.25 10.79 10.41
CA LEU A 57 6.98 10.12 10.70
C LEU A 57 7.16 8.82 11.51
N ALA A 58 8.24 8.09 11.24
CA ALA A 58 8.56 6.84 11.92
C ALA A 58 8.81 7.02 13.42
N GLY A 59 9.36 8.18 13.79
CA GLY A 59 9.58 8.51 15.19
C GLY A 59 10.98 8.26 15.71
N VAL A 60 11.98 8.67 14.94
CA VAL A 60 13.36 8.70 15.45
C VAL A 60 13.47 9.76 16.54
N LYS A 61 14.44 9.62 17.43
CA LYS A 61 14.66 10.59 18.49
C LYS A 61 14.88 11.99 17.89
N GLY A 62 15.57 12.02 16.75
CA GLY A 62 15.87 13.27 16.06
C GLY A 62 16.52 13.06 14.71
N LEU A 63 16.40 14.08 13.86
CA LEU A 63 17.00 14.08 12.54
C LEU A 63 17.65 15.43 12.28
N THR A 64 18.89 15.39 11.83
CA THR A 64 19.63 16.60 11.46
C THR A 64 19.74 16.64 9.95
N MET A 65 19.16 17.68 9.36
CA MET A 65 19.20 17.89 7.93
C MET A 65 20.39 18.79 7.59
N LEU A 66 21.31 18.25 6.79
CA LEU A 66 22.51 18.99 6.39
C LEU A 66 22.53 19.27 4.90
N ASP A 67 22.52 20.55 4.54
CA ASP A 67 22.72 20.98 3.18
C ASP A 67 23.43 22.33 3.14
N HIS A 68 24.41 22.45 2.24
CA HIS A 68 25.16 23.69 2.08
C HIS A 68 24.58 24.60 1.00
N GLU A 69 23.70 24.04 0.16
CA GLU A 69 23.19 24.76 -1.00
C GLU A 69 21.94 25.59 -0.69
N GLN A 70 21.68 26.58 -1.53
CA GLN A 70 20.47 27.40 -1.43
C GLN A 70 19.40 26.90 -2.40
N VAL A 71 18.14 27.19 -2.07
CA VAL A 71 17.01 26.89 -2.92
C VAL A 71 17.09 27.68 -4.23
N THR A 72 17.04 26.98 -5.35
CA THR A 72 17.06 27.59 -6.69
C THR A 72 15.63 27.75 -7.21
N PRO A 73 15.44 28.60 -8.25
CA PRO A 73 14.12 28.80 -8.89
C PRO A 73 13.27 27.54 -9.08
N GLU A 74 13.93 26.42 -9.41
CA GLU A 74 13.23 25.16 -9.71
C GLU A 74 13.26 24.17 -8.54
N ASP A 75 13.15 24.70 -7.32
CA ASP A 75 13.18 23.85 -6.11
C ASP A 75 11.92 23.86 -5.24
N PRO A 76 11.26 25.04 -5.05
CA PRO A 76 10.07 25.10 -4.19
C PRO A 76 8.98 24.08 -4.55
N GLY A 77 8.73 23.90 -5.85
CA GLY A 77 7.81 22.88 -6.33
C GLY A 77 8.29 21.49 -5.99
N ALA A 78 9.32 21.04 -6.70
CA ALA A 78 9.86 19.67 -6.60
C ALA A 78 10.19 19.19 -5.18
N GLN A 79 10.45 20.14 -4.27
CA GLN A 79 10.72 19.81 -2.89
C GLN A 79 9.55 20.29 -2.04
N PHE A 80 8.76 19.34 -1.54
CA PHE A 80 7.49 19.62 -0.86
C PHE A 80 7.65 20.15 0.57
N LEU A 81 8.85 20.05 1.12
CA LEU A 81 9.14 20.62 2.44
C LEU A 81 9.58 22.08 2.36
N ILE A 82 9.79 22.54 1.13
CA ILE A 82 10.15 23.93 0.86
C ILE A 82 8.91 24.73 0.47
N ARG A 83 8.78 25.92 1.06
CA ARG A 83 7.68 26.83 0.72
C ARG A 83 7.98 27.59 -0.57
N THR A 84 6.93 27.90 -1.33
CA THR A 84 7.05 28.76 -2.51
C THR A 84 7.31 30.20 -2.07
N GLY A 85 8.51 30.69 -2.35
CA GLY A 85 8.97 31.98 -1.87
C GLY A 85 10.21 31.83 -0.99
N SER A 86 11.01 30.81 -1.29
CA SER A 86 12.18 30.48 -0.49
C SER A 86 13.47 30.43 -1.32
N VAL A 87 13.39 30.92 -2.55
CA VAL A 87 14.55 30.96 -3.46
C VAL A 87 15.62 31.91 -2.92
N GLY A 88 16.82 31.37 -2.69
CA GLY A 88 17.93 32.12 -2.14
C GLY A 88 18.26 31.75 -0.71
N ARG A 89 17.36 31.00 -0.08
CA ARG A 89 17.53 30.55 1.30
C ARG A 89 18.11 29.14 1.31
N ASN A 90 18.88 28.82 2.35
CA ASN A 90 19.48 27.50 2.50
C ASN A 90 18.43 26.39 2.44
N ARG A 91 18.73 25.36 1.65
CA ARG A 91 17.79 24.28 1.34
C ARG A 91 17.34 23.50 2.59
N ALA A 92 18.26 23.27 3.51
CA ALA A 92 17.95 22.59 4.76
C ALA A 92 17.17 23.48 5.74
N GLU A 93 17.55 24.77 5.81
CA GLU A 93 16.86 25.74 6.64
C GLU A 93 15.40 25.90 6.22
N ALA A 94 15.18 25.99 4.91
CA ALA A 94 13.85 26.19 4.34
C ALA A 94 12.96 24.95 4.44
N SER A 95 13.57 23.81 4.78
CA SER A 95 12.83 22.55 4.94
C SER A 95 12.30 22.36 6.36
N LEU A 96 12.96 23.00 7.33
CA LEU A 96 12.77 22.73 8.76
C LEU A 96 11.32 22.75 9.25
N GLU A 97 10.61 23.84 8.97
CA GLU A 97 9.24 24.03 9.47
C GLU A 97 8.29 22.93 9.03
N ARG A 98 8.23 22.68 7.72
CA ARG A 98 7.37 21.62 7.17
C ARG A 98 7.77 20.27 7.72
N ALA A 99 9.08 20.00 7.74
CA ALA A 99 9.63 18.74 8.22
C ALA A 99 9.29 18.48 9.70
N GLN A 100 9.45 19.49 10.54
CA GLN A 100 9.13 19.39 11.96
C GLN A 100 7.64 19.21 12.19
N ASN A 101 6.84 19.94 11.42
CA ASN A 101 5.39 19.91 11.49
C ASN A 101 4.79 18.50 11.36
N LEU A 102 5.54 17.59 10.75
CA LEU A 102 5.12 16.21 10.54
C LEU A 102 5.03 15.42 11.84
N ASN A 103 5.94 15.71 12.77
CA ASN A 103 6.03 15.02 14.06
C ASN A 103 6.73 15.87 15.11
N PRO A 104 5.95 16.42 16.06
CA PRO A 104 6.48 17.29 17.12
C PRO A 104 7.40 16.57 18.11
N MET A 105 7.28 15.24 18.20
CA MET A 105 8.09 14.44 19.12
C MET A 105 9.51 14.20 18.62
N VAL A 106 9.74 14.45 17.33
CA VAL A 106 11.08 14.30 16.74
C VAL A 106 11.88 15.58 16.91
N ASP A 107 13.16 15.43 17.25
CA ASP A 107 14.07 16.56 17.38
C ASP A 107 14.67 16.88 16.00
N VAL A 108 13.93 17.67 15.22
CA VAL A 108 14.37 18.04 13.88
C VAL A 108 15.33 19.23 13.96
N LYS A 109 16.53 19.04 13.40
CA LYS A 109 17.56 20.08 13.39
C LYS A 109 18.12 20.32 11.99
N VAL A 110 18.82 21.44 11.84
CA VAL A 110 19.44 21.81 10.56
C VAL A 110 20.94 22.09 10.71
N ASP A 111 21.67 21.87 9.63
CA ASP A 111 23.07 22.24 9.53
C ASP A 111 23.32 22.80 8.13
N THR A 112 23.86 24.00 8.07
CA THR A 112 24.07 24.71 6.81
C THR A 112 25.50 24.56 6.27
N GLU A 113 26.39 24.05 7.11
CA GLU A 113 27.82 23.96 6.79
C GLU A 113 28.10 22.81 5.80
N ASP A 114 29.23 22.92 5.09
CA ASP A 114 29.64 21.93 4.10
C ASP A 114 30.12 20.63 4.73
N ILE A 115 29.63 19.51 4.20
CA ILE A 115 29.95 18.17 4.70
C ILE A 115 31.43 17.82 4.50
N GLU A 116 32.02 18.35 3.44
CA GLU A 116 33.38 18.02 3.04
C GLU A 116 34.40 18.57 4.03
N LYS A 117 34.04 19.67 4.68
CA LYS A 117 34.91 20.32 5.67
C LYS A 117 34.39 20.14 7.10
N LYS A 118 33.60 19.08 7.31
CA LYS A 118 33.06 18.76 8.63
C LYS A 118 33.99 17.81 9.39
N PRO A 119 34.35 18.15 10.65
CA PRO A 119 35.28 17.32 11.42
C PRO A 119 34.70 15.95 11.80
N GLU A 120 35.59 15.01 12.13
CA GLU A 120 35.19 13.65 12.51
C GLU A 120 34.36 13.61 13.80
N SER A 121 34.60 14.58 14.68
CA SER A 121 33.87 14.72 15.94
C SER A 121 32.35 14.86 15.73
N PHE A 122 31.97 15.52 14.65
CA PHE A 122 30.58 15.81 14.33
C PHE A 122 29.70 14.57 14.15
N PHE A 123 30.26 13.54 13.51
CA PHE A 123 29.50 12.34 13.14
C PHE A 123 29.13 11.45 14.31
N THR A 124 29.96 11.47 15.36
CA THR A 124 29.82 10.55 16.50
C THR A 124 28.57 10.77 17.36
N GLN A 125 27.82 11.84 17.09
CA GLN A 125 26.55 12.09 17.77
C GLN A 125 25.37 11.37 17.11
N PHE A 126 25.62 10.76 15.96
CA PHE A 126 24.56 10.09 15.19
C PHE A 126 24.68 8.57 15.18
N ASP A 127 23.53 7.91 15.20
CA ASP A 127 23.46 6.46 15.10
C ASP A 127 23.56 6.00 13.65
N ALA A 128 22.97 6.79 12.74
CA ALA A 128 23.00 6.49 11.32
C ALA A 128 23.25 7.74 10.48
N VAL A 129 24.00 7.58 9.40
CA VAL A 129 24.30 8.67 8.48
C VAL A 129 23.86 8.29 7.07
N CYS A 130 23.06 9.17 6.45
CA CYS A 130 22.54 8.93 5.11
C CYS A 130 22.91 10.06 4.14
N LEU A 131 23.71 9.71 3.14
CA LEU A 131 24.24 10.67 2.18
C LEU A 131 23.49 10.65 0.85
N THR A 132 23.05 11.82 0.40
CA THR A 132 22.51 12.00 -0.94
C THR A 132 23.18 13.23 -1.60
N CYS A 133 23.25 13.22 -2.94
CA CYS A 133 23.83 14.33 -3.72
C CYS A 133 25.34 14.53 -3.59
N CYS A 134 26.02 13.67 -2.84
CA CYS A 134 27.47 13.81 -2.62
C CYS A 134 28.31 13.11 -3.67
N SER A 135 29.51 13.64 -3.90
CA SER A 135 30.50 13.04 -4.80
C SER A 135 31.00 11.72 -4.24
N ARG A 136 31.48 10.86 -5.12
CA ARG A 136 32.05 9.57 -4.74
C ARG A 136 33.08 9.69 -3.62
N ASP A 137 33.96 10.69 -3.73
CA ASP A 137 35.03 10.90 -2.75
C ASP A 137 34.48 11.23 -1.36
N VAL A 138 33.42 12.04 -1.31
CA VAL A 138 32.73 12.36 -0.07
C VAL A 138 32.03 11.12 0.48
N ILE A 139 31.44 10.34 -0.42
CA ILE A 139 30.79 9.08 -0.07
C ILE A 139 31.75 8.12 0.62
N VAL A 140 32.93 7.95 0.03
CA VAL A 140 33.92 7.00 0.55
C VAL A 140 34.46 7.46 1.90
N LYS A 141 34.80 8.75 2.01
CA LYS A 141 35.34 9.31 3.24
C LYS A 141 34.38 9.12 4.42
N VAL A 142 33.16 9.65 4.28
CA VAL A 142 32.14 9.57 5.33
C VAL A 142 31.87 8.11 5.71
N ASP A 143 31.82 7.22 4.71
CA ASP A 143 31.67 5.79 4.94
C ASP A 143 32.81 5.23 5.79
N GLN A 144 34.03 5.62 5.44
CA GLN A 144 35.23 5.20 6.18
C GLN A 144 35.18 5.70 7.61
N ILE A 145 34.69 6.92 7.81
CA ILE A 145 34.56 7.51 9.14
C ILE A 145 33.55 6.72 9.98
N CYS A 146 32.40 6.43 9.39
CA CYS A 146 31.34 5.70 10.09
C CYS A 146 31.83 4.34 10.59
N HIS A 147 32.49 3.58 9.73
CA HIS A 147 33.03 2.26 10.08
C HIS A 147 34.03 2.32 11.23
N LYS A 148 34.87 3.35 11.23
CA LYS A 148 35.84 3.58 12.32
C LYS A 148 35.12 3.83 13.64
N ASN A 149 33.97 4.49 13.58
CA ASN A 149 33.23 4.89 14.77
C ASN A 149 31.95 4.09 15.01
N SER A 150 31.81 2.95 14.33
CA SER A 150 30.65 2.05 14.46
C SER A 150 29.30 2.70 14.12
N ILE A 151 29.34 3.79 13.36
CA ILE A 151 28.13 4.46 12.91
C ILE A 151 27.60 3.75 11.67
N LYS A 152 26.28 3.66 11.55
CA LYS A 152 25.63 3.00 10.43
C LYS A 152 25.59 3.91 9.21
N PHE A 153 26.10 3.40 8.09
CA PHE A 153 26.23 4.19 6.86
C PHE A 153 25.23 3.83 5.78
N PHE A 154 24.67 4.86 5.15
CA PHE A 154 23.74 4.71 4.05
C PHE A 154 24.05 5.77 3.01
N THR A 155 23.83 5.43 1.74
CA THR A 155 23.84 6.44 0.67
C THR A 155 22.85 6.05 -0.42
N GLY A 156 22.43 7.03 -1.21
CA GLY A 156 21.46 6.80 -2.28
C GLY A 156 21.20 8.01 -3.13
N ASP A 157 20.91 7.79 -4.41
CA ASP A 157 20.61 8.87 -5.33
C ASP A 157 19.59 8.47 -6.40
N VAL A 158 18.97 9.49 -6.99
CA VAL A 158 18.02 9.32 -8.09
C VAL A 158 18.60 9.97 -9.36
N PHE A 159 18.54 9.24 -10.47
CA PHE A 159 18.97 9.75 -11.78
C PHE A 159 17.93 9.37 -12.82
N GLY A 160 17.04 10.31 -13.15
CA GLY A 160 15.93 10.02 -14.05
C GLY A 160 15.07 8.88 -13.54
N TYR A 161 14.82 7.90 -14.40
CA TYR A 161 14.03 6.73 -14.05
C TYR A 161 14.78 5.73 -13.16
N HIS A 162 16.08 5.95 -13.00
CA HIS A 162 16.92 5.09 -12.20
C HIS A 162 17.15 5.66 -10.80
N GLY A 163 17.35 4.77 -9.83
CA GLY A 163 17.60 5.14 -8.45
C GLY A 163 18.20 3.98 -7.68
N TYR A 164 19.08 4.28 -6.74
CA TYR A 164 19.76 3.23 -5.98
C TYR A 164 19.90 3.57 -4.50
N THR A 165 20.12 2.54 -3.68
CA THR A 165 20.47 2.71 -2.26
C THR A 165 21.62 1.77 -1.93
N PHE A 166 22.53 2.24 -1.07
CA PHE A 166 23.60 1.41 -0.56
C PHE A 166 23.69 1.49 0.97
N ALA A 167 23.96 0.35 1.60
CA ALA A 167 24.13 0.30 3.04
C ALA A 167 25.47 -0.30 3.41
N ASN A 168 26.00 0.12 4.56
CA ASN A 168 27.17 -0.50 5.17
C ASN A 168 27.02 -0.44 6.69
N LEU A 169 26.67 -1.58 7.27
CA LEU A 169 26.42 -1.67 8.70
C LEU A 169 27.50 -2.44 9.43
N GLY A 170 28.52 -2.88 8.67
CA GLY A 170 29.60 -3.70 9.20
C GLY A 170 29.04 -4.97 9.83
N GLU A 171 29.53 -5.28 11.02
CA GLU A 171 29.03 -6.40 11.80
C GLU A 171 27.68 -6.00 12.41
N HIS A 172 26.60 -6.49 11.81
CA HIS A 172 25.25 -6.10 12.19
C HIS A 172 24.46 -7.29 12.75
N GLU A 173 23.81 -7.07 13.89
CA GLU A 173 23.00 -8.09 14.54
C GLU A 173 21.53 -7.67 14.57
N PHE A 174 20.63 -8.62 14.27
CA PHE A 174 19.20 -8.37 14.25
C PHE A 174 18.39 -9.59 14.67
N VAL A 175 17.16 -9.34 15.10
CA VAL A 175 16.22 -10.41 15.47
C VAL A 175 15.00 -10.43 14.55
N GLU A 176 15.02 -11.33 13.57
CA GLU A 176 13.86 -11.54 12.70
C GLU A 176 13.16 -12.84 13.06
N GLU A 177 11.83 -12.80 13.08
CA GLU A 177 11.05 -14.02 13.27
C GLU A 177 10.95 -14.80 11.96
N LYS A 178 11.19 -16.12 12.03
CA LYS A 178 11.12 -16.99 10.87
C LYS A 178 9.80 -17.76 10.82
N THR A 179 9.06 -17.56 9.73
CA THR A 179 7.75 -18.15 9.54
C THR A 179 7.83 -19.68 9.54
N LYS A 180 6.80 -20.32 10.08
CA LYS A 180 6.71 -21.77 10.20
C LYS A 180 7.11 -22.49 8.91
N VAL A 181 7.88 -23.56 9.06
CA VAL A 181 8.27 -24.42 7.94
C VAL A 181 7.75 -25.82 8.22
N ALA A 182 6.85 -26.30 7.35
CA ALA A 182 6.26 -27.63 7.50
C ALA A 182 6.23 -28.37 6.16
N LYS A 183 6.25 -29.70 6.23
CA LYS A 183 6.20 -30.54 5.03
C LYS A 183 5.24 -31.71 5.21
N THR A 204 5.28 -19.16 14.87
CA THR A 204 6.49 -18.51 14.39
C THR A 204 7.35 -18.04 15.57
N THR A 205 8.67 -18.20 15.43
CA THR A 205 9.60 -17.88 16.52
C THR A 205 10.72 -16.92 16.10
N MET A 206 11.22 -16.16 17.08
CA MET A 206 12.27 -15.17 16.87
C MET A 206 13.65 -15.83 16.84
N VAL A 207 14.55 -15.30 16.02
CA VAL A 207 15.92 -15.82 15.93
C VAL A 207 16.96 -14.73 15.68
N LYS A 208 18.04 -14.76 16.46
CA LYS A 208 19.15 -13.81 16.32
C LYS A 208 20.01 -14.17 15.11
N LYS A 209 20.49 -13.14 14.40
CA LYS A 209 21.28 -13.34 13.20
C LYS A 209 22.30 -12.21 12.99
N LYS A 210 23.49 -12.59 12.54
CA LYS A 210 24.56 -11.63 12.23
C LYS A 210 24.90 -11.60 10.74
N VAL A 211 24.89 -10.40 10.15
CA VAL A 211 25.30 -10.19 8.76
C VAL A 211 26.46 -9.20 8.71
N VAL A 212 27.45 -9.50 7.88
CA VAL A 212 28.63 -8.65 7.72
C VAL A 212 28.58 -7.89 6.40
N PHE A 213 28.60 -6.55 6.51
CA PHE A 213 28.65 -5.65 5.36
C PHE A 213 30.10 -5.24 5.06
N CYS A 214 30.32 -4.64 3.90
CA CYS A 214 31.65 -4.22 3.49
C CYS A 214 31.67 -2.74 3.10
N PRO A 215 32.85 -2.08 3.21
CA PRO A 215 33.02 -0.67 2.83
C PRO A 215 32.60 -0.36 1.39
N VAL A 216 32.13 0.88 1.17
CA VAL A 216 31.71 1.34 -0.17
C VAL A 216 32.82 1.27 -1.21
N LYS A 217 34.06 1.47 -0.78
CA LYS A 217 35.21 1.50 -1.68
C LYS A 217 35.39 0.14 -2.35
N GLU A 218 35.29 -0.92 -1.55
CA GLU A 218 35.38 -2.29 -2.05
C GLU A 218 34.16 -2.63 -2.90
N ALA A 219 33.00 -2.10 -2.50
CA ALA A 219 31.75 -2.32 -3.21
C ALA A 219 31.72 -1.60 -4.56
N LEU A 220 32.42 -0.48 -4.66
CA LEU A 220 32.48 0.29 -5.90
C LEU A 220 33.66 -0.12 -6.77
N GLU A 221 34.77 -0.51 -6.15
CA GLU A 221 35.97 -0.93 -6.87
C GLU A 221 36.08 -2.45 -6.91
N VAL A 222 35.07 -3.10 -7.47
CA VAL A 222 35.06 -4.55 -7.62
C VAL A 222 35.98 -4.99 -8.76
N ASP A 223 36.79 -6.01 -8.49
CA ASP A 223 37.69 -6.57 -9.51
C ASP A 223 36.96 -7.68 -10.27
N TRP A 224 36.83 -7.49 -11.58
CA TRP A 224 36.07 -8.42 -12.42
C TRP A 224 36.95 -9.40 -13.20
N SER A 225 38.24 -9.37 -12.94
CA SER A 225 39.21 -10.27 -13.58
C SER A 225 39.30 -11.62 -12.86
N SER A 226 38.62 -11.73 -11.72
CA SER A 226 38.60 -12.95 -10.92
C SER A 226 37.71 -14.02 -11.56
N GLU A 227 37.90 -15.26 -11.13
CA GLU A 227 37.10 -16.38 -11.62
C GLU A 227 35.67 -16.35 -11.07
N LYS A 228 35.54 -15.94 -9.80
CA LYS A 228 34.23 -15.84 -9.15
C LYS A 228 33.40 -14.69 -9.70
N ALA A 229 34.06 -13.57 -10.00
CA ALA A 229 33.42 -12.36 -10.49
C ALA A 229 32.91 -12.50 -11.94
N LYS A 230 33.56 -13.37 -12.70
CA LYS A 230 33.18 -13.60 -14.10
C LYS A 230 31.81 -14.26 -14.20
N ALA A 231 31.56 -15.24 -13.33
CA ALA A 231 30.26 -15.91 -13.26
C ALA A 231 29.21 -14.99 -12.60
N ALA A 232 29.68 -14.10 -11.75
CA ALA A 232 28.82 -13.10 -11.11
C ALA A 232 28.39 -12.02 -12.11
N LEU A 233 29.26 -11.74 -13.07
CA LEU A 233 29.07 -10.66 -14.05
C LEU A 233 27.75 -10.77 -14.84
N LYS A 234 27.42 -11.98 -15.28
CA LYS A 234 26.18 -12.22 -16.01
C LYS A 234 24.94 -11.96 -15.15
N ARG A 235 25.06 -12.20 -13.85
CA ARG A 235 23.96 -12.03 -12.91
C ARG A 235 23.82 -10.59 -12.42
N THR A 236 24.90 -9.82 -12.57
CA THR A 236 24.91 -8.44 -12.09
C THR A 236 24.15 -7.53 -13.04
N THR A 237 23.23 -6.74 -12.49
CA THR A 237 22.45 -5.78 -13.25
C THR A 237 23.33 -4.64 -13.78
N SER A 238 23.03 -4.17 -14.99
CA SER A 238 23.78 -3.10 -15.63
C SER A 238 23.62 -1.74 -14.94
N ASP A 239 22.73 -1.68 -13.95
CA ASP A 239 22.51 -0.48 -13.16
C ASP A 239 23.69 -0.19 -12.23
N TYR A 240 24.43 -1.23 -11.88
CA TYR A 240 25.66 -1.08 -11.11
C TYR A 240 26.72 -0.33 -11.91
N PHE A 241 26.85 -0.68 -13.17
CA PHE A 241 27.83 -0.06 -14.05
C PHE A 241 27.34 1.31 -14.53
N LEU A 242 26.02 1.50 -14.53
CA LEU A 242 25.41 2.80 -14.79
C LEU A 242 25.75 3.76 -13.65
N LEU A 243 25.70 3.25 -12.42
CA LEU A 243 26.10 4.02 -11.24
C LEU A 243 27.55 4.48 -11.35
N GLN A 244 28.43 3.58 -11.80
CA GLN A 244 29.84 3.89 -12.01
C GLN A 244 30.01 5.04 -12.99
N VAL A 245 29.16 5.07 -14.02
CA VAL A 245 29.20 6.11 -15.06
C VAL A 245 28.76 7.47 -14.50
N LEU A 246 27.65 7.48 -13.77
CA LEU A 246 27.10 8.71 -13.21
C LEU A 246 27.94 9.32 -12.10
N LEU A 247 28.66 8.47 -11.36
CA LEU A 247 29.58 8.93 -10.32
C LEU A 247 30.77 9.68 -10.91
N LYS A 248 31.29 9.19 -12.03
CA LYS A 248 32.39 9.83 -12.72
C LYS A 248 31.94 11.19 -13.26
N PHE A 249 30.73 11.22 -13.80
CA PHE A 249 30.12 12.47 -14.25
C PHE A 249 30.05 13.48 -13.10
N ARG A 250 29.46 13.07 -11.97
CA ARG A 250 29.30 13.93 -10.80
C ARG A 250 30.63 14.42 -10.22
N THR A 251 31.64 13.55 -10.17
CA THR A 251 32.97 13.93 -9.69
C THR A 251 33.65 14.95 -10.60
N ASP A 252 33.47 14.78 -11.92
CA ASP A 252 34.11 15.67 -12.90
C ASP A 252 33.33 16.97 -13.13
N LYS A 253 32.04 16.85 -13.39
CA LYS A 253 31.19 17.99 -13.74
C LYS A 253 30.69 18.81 -12.54
N GLY A 254 30.90 18.30 -11.33
CA GLY A 254 30.45 18.99 -10.12
C GLY A 254 28.94 18.98 -9.92
N ARG A 255 28.22 18.41 -10.88
CA ARG A 255 26.77 18.27 -10.80
C ARG A 255 26.28 17.01 -11.52
N ASP A 256 24.99 16.73 -11.41
CA ASP A 256 24.38 15.62 -12.14
C ASP A 256 24.00 16.05 -13.56
N PRO A 257 23.77 15.08 -14.48
CA PRO A 257 23.27 15.43 -15.81
C PRO A 257 21.88 16.08 -15.74
N SER A 258 21.68 17.14 -16.53
CA SER A 258 20.50 17.98 -16.43
C SER A 258 19.77 18.16 -17.76
N SER A 259 18.46 18.31 -17.69
CA SER A 259 17.60 18.52 -18.88
C SER A 259 17.97 19.74 -19.69
N ASP A 260 18.57 20.73 -19.03
CA ASP A 260 19.00 21.97 -19.68
C ASP A 260 20.16 21.76 -20.64
N THR A 261 21.12 20.94 -20.22
CA THR A 261 22.30 20.66 -21.04
C THR A 261 22.32 19.21 -21.55
N TYR A 262 21.14 18.72 -21.94
CA TYR A 262 20.97 17.32 -22.36
C TYR A 262 21.98 16.84 -23.39
N GLU A 263 22.15 17.59 -24.47
CA GLU A 263 22.98 17.16 -25.60
C GLU A 263 24.48 17.05 -25.28
N GLU A 264 24.99 17.93 -24.42
CA GLU A 264 26.40 17.92 -24.02
C GLU A 264 26.65 16.80 -23.01
N ASP A 265 25.78 16.72 -22.00
CA ASP A 265 25.86 15.68 -20.99
C ASP A 265 25.73 14.30 -21.63
N SER A 266 24.83 14.18 -22.61
CA SER A 266 24.59 12.93 -23.32
C SER A 266 25.83 12.43 -24.08
N GLU A 267 26.63 13.36 -24.58
CA GLU A 267 27.85 13.01 -25.30
C GLU A 267 28.96 12.60 -24.34
N LEU A 268 29.07 13.29 -23.21
CA LEU A 268 30.07 12.97 -22.20
C LEU A 268 29.78 11.63 -21.50
N LEU A 269 28.51 11.32 -21.30
CA LEU A 269 28.08 10.07 -20.67
C LEU A 269 28.45 8.84 -21.51
N LEU A 270 28.34 8.97 -22.83
CA LEU A 270 28.75 7.91 -23.75
C LEU A 270 30.27 7.73 -23.77
N GLN A 271 30.99 8.84 -23.62
CA GLN A 271 32.45 8.82 -23.51
C GLN A 271 32.89 8.18 -22.20
N ILE A 272 32.20 8.51 -21.11
CA ILE A 272 32.48 7.93 -19.80
C ILE A 272 32.12 6.44 -19.79
N ARG A 273 31.08 6.08 -20.53
CA ARG A 273 30.64 4.68 -20.63
C ARG A 273 31.77 3.78 -21.14
N ASN A 274 32.52 4.27 -22.13
CA ASN A 274 33.66 3.53 -22.66
C ASN A 274 34.86 3.56 -21.72
N ASP A 275 35.14 4.73 -21.14
CA ASP A 275 36.30 4.92 -20.26
C ASP A 275 36.18 4.22 -18.89
N VAL A 276 34.96 3.81 -18.52
CA VAL A 276 34.73 3.11 -17.26
C VAL A 276 34.67 1.59 -17.48
N LEU A 277 33.89 1.15 -18.47
CA LEU A 277 33.71 -0.26 -18.77
C LEU A 277 34.97 -0.94 -19.31
N ASP A 278 35.69 -0.26 -20.19
CA ASP A 278 36.95 -0.80 -20.73
C ASP A 278 38.05 -0.87 -19.66
N SER A 279 37.97 0.01 -18.67
CA SER A 279 38.94 0.04 -17.57
C SER A 279 38.53 -0.91 -16.43
N LEU A 280 37.77 -1.94 -16.77
CA LEU A 280 37.32 -2.95 -15.81
C LEU A 280 37.35 -4.36 -16.41
N GLY A 281 37.81 -4.46 -17.65
CA GLY A 281 37.87 -5.73 -18.38
C GLY A 281 36.50 -6.25 -18.80
N ILE A 282 35.56 -5.32 -19.00
CA ILE A 282 34.19 -5.64 -19.37
C ILE A 282 33.83 -4.96 -20.69
N SER A 283 33.34 -5.75 -21.65
CA SER A 283 32.91 -5.23 -22.95
C SER A 283 31.83 -4.16 -22.76
N PRO A 284 32.04 -2.96 -23.33
CA PRO A 284 31.17 -1.80 -23.13
C PRO A 284 29.79 -1.93 -23.79
N ASP A 285 29.44 -3.15 -24.20
CA ASP A 285 28.17 -3.42 -24.87
C ASP A 285 27.09 -3.87 -23.88
N LEU A 286 27.40 -3.82 -22.59
CA LEU A 286 26.45 -4.16 -21.54
C LEU A 286 25.48 -3.02 -21.25
N LEU A 287 25.96 -1.79 -21.44
CA LEU A 287 25.08 -0.63 -21.39
C LEU A 287 24.78 -0.16 -22.81
N PRO A 288 23.51 -0.32 -23.24
CA PRO A 288 23.09 0.15 -24.56
C PRO A 288 23.12 1.67 -24.65
N GLU A 289 23.15 2.19 -25.87
CA GLU A 289 23.23 3.64 -26.10
C GLU A 289 22.05 4.39 -25.47
N ASP A 290 20.87 3.78 -25.52
CA ASP A 290 19.63 4.40 -25.05
C ASP A 290 19.56 4.65 -23.54
N PHE A 291 20.66 4.44 -22.84
CA PHE A 291 20.70 4.65 -21.40
C PHE A 291 20.67 6.14 -21.02
N VAL A 292 21.18 6.98 -21.92
CA VAL A 292 21.25 8.43 -21.70
C VAL A 292 19.88 9.07 -21.49
N ARG A 293 18.87 8.62 -22.23
CA ARG A 293 17.56 9.25 -22.23
C ARG A 293 16.67 8.87 -21.03
N TYR A 294 17.23 8.13 -20.08
CA TYR A 294 16.46 7.67 -18.92
C TYR A 294 17.12 7.97 -17.58
N CYS A 295 18.18 8.77 -17.58
CA CYS A 295 18.93 9.04 -16.35
C CYS A 295 19.11 10.52 -16.02
N PHE A 296 18.24 11.38 -16.59
CA PHE A 296 18.35 12.81 -16.42
C PHE A 296 17.38 13.38 -15.37
N SER A 297 17.87 14.38 -14.62
CA SER A 297 17.12 15.06 -13.55
C SER A 297 16.56 14.11 -12.49
N GLU A 298 15.56 14.55 -11.72
CA GLU A 298 14.98 13.72 -10.67
C GLU A 298 13.47 13.56 -10.74
N MET A 299 13.06 12.37 -11.17
CA MET A 299 11.67 11.97 -11.28
C MET A 299 11.09 11.84 -9.87
N ALA A 300 10.04 12.60 -9.59
CA ALA A 300 9.39 12.57 -8.28
C ALA A 300 8.96 11.15 -7.83
N PRO A 301 8.30 10.37 -8.72
CA PRO A 301 7.97 8.99 -8.39
C PRO A 301 9.18 8.14 -7.99
N VAL A 302 10.34 8.38 -8.61
CA VAL A 302 11.53 7.59 -8.32
C VAL A 302 12.07 7.91 -6.93
N CYS A 303 12.02 9.18 -6.53
CA CYS A 303 12.37 9.60 -5.18
C CYS A 303 11.46 8.93 -4.16
N ALA A 304 10.17 8.89 -4.47
CA ALA A 304 9.17 8.23 -3.65
C ALA A 304 9.56 6.79 -3.37
N VAL A 305 9.86 6.05 -4.44
CA VAL A 305 10.21 4.63 -4.36
C VAL A 305 11.53 4.42 -3.60
N VAL A 306 12.60 5.07 -4.08
CA VAL A 306 13.94 4.89 -3.50
C VAL A 306 14.04 5.45 -2.08
N GLY A 307 13.31 6.54 -1.81
CA GLY A 307 13.25 7.12 -0.47
C GLY A 307 12.45 6.25 0.49
N GLY A 308 11.49 5.51 -0.03
CA GLY A 308 10.67 4.60 0.79
C GLY A 308 11.45 3.37 1.20
N ILE A 309 12.22 2.82 0.28
CA ILE A 309 13.07 1.65 0.56
C ILE A 309 14.23 2.02 1.49
N LEU A 310 14.96 3.09 1.15
CA LEU A 310 16.10 3.55 1.93
C LEU A 310 15.73 3.87 3.38
N ALA A 311 14.66 4.65 3.56
CA ALA A 311 14.19 5.02 4.89
C ALA A 311 13.90 3.80 5.73
N GLN A 312 13.23 2.81 5.13
CA GLN A 312 12.86 1.58 5.83
C GLN A 312 14.09 0.78 6.22
N GLU A 313 15.12 0.84 5.39
CA GLU A 313 16.39 0.17 5.68
C GLU A 313 17.08 0.82 6.87
N ILE A 314 17.04 2.15 6.91
CA ILE A 314 17.55 2.92 8.05
C ILE A 314 16.79 2.51 9.33
N VAL A 315 15.47 2.43 9.24
CA VAL A 315 14.61 2.00 10.36
C VAL A 315 15.01 0.60 10.83
N LYS A 316 15.08 -0.34 9.89
CA LYS A 316 15.47 -1.73 10.18
C LYS A 316 16.80 -1.79 10.92
N ALA A 317 17.80 -1.08 10.40
CA ALA A 317 19.13 -1.02 10.99
C ALA A 317 19.10 -0.52 12.43
N LEU A 318 18.40 0.60 12.65
CA LEU A 318 18.33 1.23 13.96
C LEU A 318 17.52 0.42 14.95
N SER A 319 16.45 -0.21 14.48
CA SER A 319 15.60 -1.05 15.33
C SER A 319 16.25 -2.40 15.57
N GLN A 320 17.07 -2.83 14.62
CA GLN A 320 17.69 -4.17 14.63
C GLN A 320 16.64 -5.28 14.64
N ARG A 321 15.59 -5.11 13.84
CA ARG A 321 14.47 -6.06 13.84
C ARG A 321 14.35 -6.95 12.60
N ASP A 322 14.68 -6.43 11.43
CA ASP A 322 14.54 -7.22 10.20
C ASP A 322 15.82 -7.28 9.37
N PRO A 323 15.97 -8.33 8.53
CA PRO A 323 17.20 -8.48 7.73
C PRO A 323 17.35 -7.38 6.68
N PRO A 324 18.36 -6.51 6.86
CA PRO A 324 18.55 -5.41 5.92
C PRO A 324 19.13 -5.93 4.60
N HIS A 325 18.68 -5.34 3.49
CA HIS A 325 19.13 -5.75 2.17
C HIS A 325 20.66 -5.69 2.09
N ASN A 326 21.27 -6.83 1.82
CA ASN A 326 22.73 -6.91 1.83
C ASN A 326 23.36 -6.23 0.63
N ASN A 327 23.64 -4.95 0.83
CA ASN A 327 24.53 -4.12 0.00
C ASN A 327 23.81 -3.09 -0.86
N PHE A 328 23.40 -3.49 -2.06
CA PHE A 328 22.83 -2.55 -3.03
C PHE A 328 21.38 -2.82 -3.33
N PHE A 329 20.63 -1.74 -3.56
CA PHE A 329 19.30 -1.83 -4.14
C PHE A 329 19.23 -0.95 -5.39
N PHE A 330 18.89 -1.57 -6.52
CA PHE A 330 18.78 -0.84 -7.79
C PHE A 330 17.35 -0.84 -8.32
N PHE A 331 16.84 0.34 -8.62
CA PHE A 331 15.48 0.51 -9.12
C PHE A 331 15.46 1.17 -10.50
N ASP A 332 14.81 0.51 -11.46
CA ASP A 332 14.56 1.10 -12.78
C ASP A 332 13.05 1.28 -12.97
N GLY A 333 12.61 2.55 -12.93
CA GLY A 333 11.20 2.90 -12.98
C GLY A 333 10.57 2.80 -14.35
N MET A 334 11.38 2.45 -15.35
CA MET A 334 10.89 2.23 -16.70
C MET A 334 10.53 0.75 -16.90
N LYS A 335 11.20 -0.12 -16.15
CA LYS A 335 10.99 -1.56 -16.27
C LYS A 335 10.29 -2.17 -15.04
N GLY A 336 10.31 -1.44 -13.93
CA GLY A 336 9.70 -1.90 -12.69
C GLY A 336 10.53 -2.92 -11.94
N ASN A 337 11.84 -2.89 -12.16
CA ASN A 337 12.78 -3.78 -11.48
C ASN A 337 13.30 -3.18 -10.18
N GLY A 338 13.29 -4.00 -9.12
CA GLY A 338 13.93 -3.66 -7.86
C GLY A 338 14.85 -4.79 -7.48
N ILE A 339 16.14 -4.58 -7.71
CA ILE A 339 17.15 -5.63 -7.55
C ILE A 339 18.03 -5.37 -6.33
N VAL A 340 18.29 -6.41 -5.55
CA VAL A 340 19.27 -6.34 -4.47
C VAL A 340 20.52 -7.15 -4.82
N GLU A 341 21.62 -6.44 -5.01
CA GLU A 341 22.89 -7.06 -5.36
C GLU A 341 23.85 -6.94 -4.20
N CYS A 342 24.70 -7.96 -4.03
CA CYS A 342 25.74 -7.93 -3.02
C CYS A 342 27.09 -7.92 -3.71
N LEU A 343 27.74 -6.75 -3.72
CA LEU A 343 29.04 -6.57 -4.36
C LEU A 343 30.08 -6.03 -3.39
N GLY A 344 31.32 -6.50 -3.55
CA GLY A 344 32.41 -6.12 -2.65
C GLY A 344 33.24 -7.30 -2.18
N PRO A 345 32.60 -8.26 -1.48
CA PRO A 345 33.29 -9.48 -1.02
C PRO A 345 33.94 -10.26 -2.16
N SER B 6 7.24 22.25 -14.99
CA SER B 6 6.91 20.91 -14.41
C SER B 6 7.33 19.77 -15.33
N ARG B 7 8.45 19.97 -16.04
CA ARG B 7 8.95 19.01 -17.02
C ARG B 7 10.10 18.16 -16.48
N GLY B 8 10.21 16.94 -16.99
CA GLY B 8 11.31 16.02 -16.67
C GLY B 8 11.33 14.87 -17.66
N LEU B 9 10.39 14.92 -18.61
CA LEU B 9 10.14 13.85 -19.57
C LEU B 9 9.67 14.45 -20.90
N PRO B 10 9.87 13.72 -22.02
CA PRO B 10 9.63 14.21 -23.40
C PRO B 10 8.36 15.05 -23.61
N ARG B 11 8.44 15.98 -24.56
CA ARG B 11 7.41 16.99 -24.83
C ARG B 11 5.97 16.45 -24.93
N GLU B 12 5.80 15.39 -25.72
CA GLU B 12 4.47 14.77 -25.92
C GLU B 12 3.86 14.26 -24.61
N LEU B 13 4.69 13.64 -23.77
CA LEU B 13 4.27 13.09 -22.48
C LEU B 13 3.92 14.18 -21.48
N ALA B 14 4.77 15.22 -21.42
CA ALA B 14 4.56 16.33 -20.50
C ALA B 14 3.28 17.08 -20.82
N GLU B 15 3.03 17.30 -22.11
CA GLU B 15 1.80 17.98 -22.56
C GLU B 15 0.59 17.08 -22.34
N ALA B 16 0.78 15.77 -22.43
CA ALA B 16 -0.26 14.80 -22.11
C ALA B 16 -0.61 14.88 -20.63
N VAL B 17 0.41 14.93 -19.78
CA VAL B 17 0.23 14.95 -18.33
C VAL B 17 -0.30 16.30 -17.83
N ALA B 18 0.16 17.40 -18.41
CA ALA B 18 -0.27 18.74 -18.02
C ALA B 18 -1.72 19.05 -18.45
N GLY B 19 -2.15 18.47 -19.56
CA GLY B 19 -3.47 18.75 -20.11
C GLY B 19 -4.54 17.74 -19.73
N GLY B 20 -4.11 16.52 -19.38
CA GLY B 20 -5.03 15.46 -19.01
C GLY B 20 -5.72 15.68 -17.67
N ARG B 21 -6.71 14.85 -17.38
CA ARG B 21 -7.42 14.90 -16.11
C ARG B 21 -7.48 13.50 -15.52
N VAL B 22 -7.13 13.38 -14.24
CA VAL B 22 -7.02 12.08 -13.59
C VAL B 22 -7.85 11.99 -12.31
N LEU B 23 -8.28 10.78 -11.98
CA LEU B 23 -9.09 10.54 -10.79
C LEU B 23 -8.37 9.65 -9.79
N VAL B 24 -8.34 10.11 -8.54
CA VAL B 24 -7.78 9.35 -7.43
C VAL B 24 -8.95 9.01 -6.50
N VAL B 25 -9.17 7.73 -6.29
CA VAL B 25 -10.26 7.26 -5.43
C VAL B 25 -9.65 6.80 -4.11
N GLY B 26 -9.95 7.53 -3.04
CA GLY B 26 -9.33 7.30 -1.74
C GLY B 26 -8.25 8.33 -1.43
N ALA B 27 -8.30 8.89 -0.22
CA ALA B 27 -7.34 9.88 0.23
C ALA B 27 -6.73 9.50 1.58
N GLY B 28 -6.46 8.21 1.76
CA GLY B 28 -5.77 7.72 2.94
C GLY B 28 -4.27 7.77 2.76
N GLY B 29 -3.58 6.73 3.22
CA GLY B 29 -2.13 6.65 3.13
C GLY B 29 -1.64 6.67 1.70
N ILE B 30 -2.11 5.71 0.90
CA ILE B 30 -1.72 5.66 -0.51
C ILE B 30 -2.16 6.92 -1.25
N GLY B 31 -3.42 7.32 -1.05
CA GLY B 31 -3.99 8.49 -1.72
C GLY B 31 -3.17 9.75 -1.51
N CYS B 32 -2.93 10.09 -0.25
CA CYS B 32 -2.18 11.28 0.12
C CYS B 32 -0.80 11.31 -0.48
N GLU B 33 -0.13 10.15 -0.48
CA GLU B 33 1.18 10.03 -1.10
C GLU B 33 1.08 10.18 -2.61
N LEU B 34 0.08 9.51 -3.21
CA LEU B 34 -0.18 9.58 -4.65
C LEU B 34 -0.38 11.01 -5.13
N LEU B 35 -1.25 11.74 -4.44
CA LEU B 35 -1.58 13.12 -4.79
C LEU B 35 -0.32 13.95 -4.96
N LYS B 36 0.54 13.90 -3.96
CA LYS B 36 1.83 14.58 -3.98
C LYS B 36 2.65 14.15 -5.20
N ASN B 37 2.74 12.84 -5.43
CA ASN B 37 3.52 12.31 -6.54
C ASN B 37 3.03 12.82 -7.88
N LEU B 38 1.71 12.93 -8.03
CA LEU B 38 1.10 13.45 -9.26
C LEU B 38 1.43 14.93 -9.50
N VAL B 39 1.28 15.76 -8.47
CA VAL B 39 1.54 17.20 -8.61
C VAL B 39 3.02 17.50 -8.85
N LEU B 40 3.90 16.70 -8.25
CA LEU B 40 5.33 16.86 -8.43
C LEU B 40 5.78 16.35 -9.81
N THR B 41 4.97 15.52 -10.44
CA THR B 41 5.27 15.00 -11.78
C THR B 41 4.75 15.95 -12.87
N GLY B 42 3.73 16.73 -12.55
CA GLY B 42 3.20 17.71 -13.50
C GLY B 42 1.74 17.53 -13.86
N PHE B 43 1.05 16.65 -13.13
CA PHE B 43 -0.39 16.51 -13.27
C PHE B 43 -1.04 17.72 -12.62
N SER B 44 -1.76 18.49 -13.41
CA SER B 44 -2.30 19.77 -12.96
C SER B 44 -3.83 19.77 -12.84
N HIS B 45 -4.47 18.68 -13.27
CA HIS B 45 -5.91 18.55 -13.16
C HIS B 45 -6.26 17.23 -12.50
N ILE B 46 -6.47 17.29 -11.19
CA ILE B 46 -6.66 16.08 -10.38
C ILE B 46 -7.97 16.15 -9.61
N ASP B 47 -8.77 15.09 -9.74
CA ASP B 47 -9.94 14.90 -8.90
C ASP B 47 -9.63 13.88 -7.81
N LEU B 48 -10.04 14.19 -6.59
CA LEU B 48 -9.77 13.35 -5.43
C LEU B 48 -11.04 13.17 -4.60
N ILE B 49 -11.43 11.91 -4.40
CA ILE B 49 -12.65 11.60 -3.67
C ILE B 49 -12.36 10.69 -2.47
N ASP B 50 -12.99 11.00 -1.35
CA ASP B 50 -12.91 10.19 -0.13
C ASP B 50 -14.09 10.51 0.78
N LEU B 51 -14.72 9.46 1.31
CA LEU B 51 -15.92 9.61 2.14
C LEU B 51 -15.63 9.96 3.59
N ASP B 52 -14.41 9.69 4.04
CA ASP B 52 -14.07 9.72 5.46
C ASP B 52 -13.54 11.07 5.94
N THR B 53 -13.61 11.27 7.26
CA THR B 53 -13.00 12.42 7.92
C THR B 53 -11.71 11.99 8.64
N ILE B 54 -10.95 12.97 9.13
CA ILE B 54 -9.63 12.73 9.71
C ILE B 54 -9.68 12.49 11.22
N ASP B 55 -8.96 11.46 11.65
CA ASP B 55 -8.72 11.19 13.07
C ASP B 55 -7.29 10.69 13.23
N VAL B 56 -6.45 11.51 13.85
CA VAL B 56 -5.03 11.18 14.01
C VAL B 56 -4.50 11.43 15.42
N SER B 57 -3.52 10.62 15.82
CA SER B 57 -2.78 10.81 17.06
C SER B 57 -1.35 10.32 16.87
N ASN B 58 -0.44 10.77 17.73
CA ASN B 58 0.97 10.36 17.66
C ASN B 58 1.21 8.87 17.93
N LEU B 59 0.12 8.11 18.05
CA LEU B 59 0.19 6.66 18.12
C LEU B 59 0.52 6.13 16.74
N ASN B 60 -0.02 6.82 15.72
CA ASN B 60 0.32 6.59 14.31
C ASN B 60 0.15 7.90 13.52
N ARG B 61 1.23 8.33 12.87
CA ARG B 61 1.30 9.67 12.28
C ARG B 61 1.19 9.70 10.76
N GLN B 62 0.34 10.59 10.25
CA GLN B 62 0.05 10.69 8.82
C GLN B 62 0.85 11.77 8.09
N PHE B 63 1.00 11.59 6.79
CA PHE B 63 1.79 12.51 5.97
C PHE B 63 1.20 13.92 5.92
N LEU B 64 -0.02 14.04 5.39
CA LEU B 64 -0.67 15.35 5.25
C LEU B 64 -1.62 15.66 6.41
N PHE B 65 -1.94 14.67 7.23
CA PHE B 65 -2.92 14.85 8.29
C PHE B 65 -2.27 15.06 9.66
N GLN B 66 -2.61 16.18 10.28
CA GLN B 66 -2.12 16.54 11.60
C GLN B 66 -3.27 16.80 12.57
N LYS B 67 -2.95 17.09 13.83
CA LYS B 67 -3.93 17.26 14.90
C LYS B 67 -4.95 18.38 14.66
N LYS B 68 -4.53 19.44 13.98
CA LYS B 68 -5.41 20.58 13.68
C LYS B 68 -6.51 20.25 12.67
N HIS B 69 -6.32 19.16 11.92
CA HIS B 69 -7.26 18.75 10.88
C HIS B 69 -8.34 17.77 11.38
N VAL B 70 -8.18 17.27 12.61
CA VAL B 70 -9.06 16.25 13.18
C VAL B 70 -10.54 16.61 13.07
N GLY B 71 -11.30 15.75 12.39
CA GLY B 71 -12.73 15.95 12.20
C GLY B 71 -13.11 16.51 10.84
N ARG B 72 -12.10 16.90 10.07
CA ARG B 72 -12.33 17.48 8.74
C ARG B 72 -12.20 16.44 7.63
N SER B 73 -12.73 16.79 6.45
CA SER B 73 -12.66 15.94 5.27
C SER B 73 -11.22 15.58 4.90
N LYS B 74 -11.01 14.31 4.58
CA LYS B 74 -9.69 13.81 4.19
C LYS B 74 -9.24 14.40 2.86
N ALA B 75 -10.13 14.39 1.88
CA ALA B 75 -9.84 14.87 0.54
C ALA B 75 -9.54 16.37 0.51
N GLN B 76 -10.34 17.13 1.27
CA GLN B 76 -10.21 18.58 1.35
C GLN B 76 -8.86 18.99 1.93
N VAL B 77 -8.50 18.38 3.05
CA VAL B 77 -7.24 18.66 3.73
C VAL B 77 -6.04 18.24 2.88
N ALA B 78 -6.14 17.08 2.22
CA ALA B 78 -5.11 16.63 1.29
C ALA B 78 -4.91 17.64 0.18
N LYS B 79 -6.02 18.12 -0.38
CA LYS B 79 -6.01 19.18 -1.40
C LYS B 79 -5.32 20.44 -0.88
N GLU B 80 -5.71 20.87 0.32
CA GLU B 80 -5.15 22.08 0.91
C GLU B 80 -3.68 21.95 1.22
N SER B 81 -3.28 20.78 1.72
CA SER B 81 -1.89 20.49 2.06
C SER B 81 -0.98 20.51 0.83
N VAL B 82 -1.48 19.95 -0.27
CA VAL B 82 -0.70 19.87 -1.50
C VAL B 82 -0.63 21.22 -2.22
N LEU B 83 -1.73 21.98 -2.17
CA LEU B 83 -1.77 23.35 -2.69
C LEU B 83 -0.64 24.24 -2.15
N GLN B 84 -0.13 23.88 -0.97
CA GLN B 84 0.99 24.61 -0.37
C GLN B 84 2.32 24.29 -1.04
N PHE B 85 2.41 23.14 -1.71
CA PHE B 85 3.62 22.79 -2.46
C PHE B 85 3.55 23.42 -3.84
N TYR B 86 2.52 23.06 -4.60
CA TYR B 86 2.20 23.69 -5.88
C TYR B 86 0.90 24.48 -5.75
N PRO B 87 1.01 25.82 -5.78
CA PRO B 87 -0.18 26.67 -5.68
C PRO B 87 -1.03 26.63 -6.95
N LYS B 88 -0.47 26.11 -8.04
CA LYS B 88 -1.09 26.23 -9.36
C LYS B 88 -1.92 25.02 -9.81
N ALA B 89 -1.86 23.93 -9.05
CA ALA B 89 -2.62 22.72 -9.37
C ALA B 89 -4.13 22.92 -9.23
N ASN B 90 -4.87 22.40 -10.20
CA ASN B 90 -6.32 22.46 -10.18
C ASN B 90 -6.88 21.17 -9.61
N ILE B 91 -7.07 21.15 -8.29
CA ILE B 91 -7.52 19.94 -7.59
C ILE B 91 -8.96 20.08 -7.15
N VAL B 92 -9.80 19.13 -7.57
CA VAL B 92 -11.18 19.09 -7.12
C VAL B 92 -11.29 17.99 -6.07
N ALA B 93 -11.74 18.39 -4.88
CA ALA B 93 -11.94 17.43 -3.79
C ALA B 93 -13.43 17.15 -3.57
N TYR B 94 -13.78 15.87 -3.46
CA TYR B 94 -15.13 15.47 -3.12
C TYR B 94 -15.12 14.73 -1.79
N HIS B 95 -15.88 15.25 -0.83
CA HIS B 95 -16.12 14.53 0.42
C HIS B 95 -17.39 13.71 0.22
N ASP B 96 -17.23 12.50 -0.34
CA ASP B 96 -18.36 11.65 -0.74
C ASP B 96 -17.90 10.21 -0.98
N SER B 97 -18.88 9.32 -1.19
CA SER B 97 -18.60 7.95 -1.60
C SER B 97 -18.61 7.85 -3.13
N ILE B 98 -17.69 7.08 -3.68
CA ILE B 98 -17.60 6.90 -5.13
C ILE B 98 -18.80 6.12 -5.67
N MET B 99 -19.54 5.48 -4.76
CA MET B 99 -20.72 4.70 -5.13
C MET B 99 -22.00 5.56 -5.21
N ASN B 100 -21.87 6.85 -4.91
CA ASN B 100 -22.93 7.82 -5.18
C ASN B 100 -23.22 7.80 -6.68
N PRO B 101 -24.50 7.67 -7.06
CA PRO B 101 -24.93 7.63 -8.46
C PRO B 101 -24.50 8.84 -9.29
N ASP B 102 -24.14 9.95 -8.62
CA ASP B 102 -23.65 11.15 -9.29
C ASP B 102 -22.40 10.89 -10.13
N TYR B 103 -21.56 9.96 -9.67
CA TYR B 103 -20.31 9.65 -10.34
C TYR B 103 -20.52 8.57 -11.39
N ASN B 104 -21.33 8.91 -12.41
CA ASN B 104 -21.73 7.95 -13.44
C ASN B 104 -20.71 7.84 -14.59
N VAL B 105 -21.09 7.11 -15.64
CA VAL B 105 -20.20 6.84 -16.78
C VAL B 105 -19.71 8.12 -17.44
N GLU B 106 -20.57 9.14 -17.45
CA GLU B 106 -20.24 10.44 -18.01
C GLU B 106 -19.12 11.10 -17.21
N PHE B 107 -19.21 10.99 -15.89
CA PHE B 107 -18.21 11.52 -14.97
C PHE B 107 -16.86 10.82 -15.18
N PHE B 108 -16.90 9.50 -15.36
CA PHE B 108 -15.69 8.70 -15.52
C PHE B 108 -14.99 8.88 -16.87
N ARG B 109 -15.75 9.28 -17.89
CA ARG B 109 -15.20 9.54 -19.22
C ARG B 109 -14.42 10.87 -19.29
N GLN B 110 -14.55 11.68 -18.24
CA GLN B 110 -13.81 12.94 -18.13
C GLN B 110 -12.31 12.71 -17.96
N PHE B 111 -11.94 11.52 -17.49
CA PHE B 111 -10.57 11.24 -17.08
C PHE B 111 -9.83 10.38 -18.08
N ILE B 112 -8.54 10.65 -18.24
CA ILE B 112 -7.69 9.83 -19.11
C ILE B 112 -6.99 8.71 -18.34
N LEU B 113 -7.24 8.66 -17.02
CA LEU B 113 -6.63 7.68 -16.13
C LEU B 113 -7.29 7.71 -14.75
N VAL B 114 -7.63 6.53 -14.22
CA VAL B 114 -8.22 6.44 -12.87
C VAL B 114 -7.33 5.60 -11.97
N MET B 115 -7.06 6.12 -10.77
CA MET B 115 -6.18 5.44 -9.84
C MET B 115 -6.90 5.05 -8.53
N ASN B 116 -6.88 3.75 -8.22
CA ASN B 116 -7.47 3.25 -6.99
C ASN B 116 -6.54 3.32 -5.79
N ALA B 117 -7.11 3.71 -4.65
CA ALA B 117 -6.40 3.76 -3.37
C ALA B 117 -7.40 3.44 -2.26
N LEU B 118 -8.02 2.26 -2.35
CA LEU B 118 -9.12 1.90 -1.46
C LEU B 118 -8.75 0.79 -0.47
N ASP B 119 -9.60 0.61 0.54
CA ASP B 119 -9.36 -0.38 1.58
C ASP B 119 -10.38 -1.52 1.58
N ASN B 120 -11.43 -1.38 0.75
CA ASN B 120 -12.50 -2.38 0.71
C ASN B 120 -12.85 -2.91 -0.69
N ARG B 121 -13.58 -4.03 -0.70
CA ARG B 121 -13.84 -4.79 -1.92
C ARG B 121 -15.02 -4.24 -2.72
N ALA B 122 -16.11 -3.95 -2.03
CA ALA B 122 -17.35 -3.47 -2.65
C ALA B 122 -17.15 -2.21 -3.49
N ALA B 123 -16.30 -1.32 -3.00
CA ALA B 123 -15.98 -0.06 -3.68
C ALA B 123 -15.06 -0.31 -4.88
N ARG B 124 -14.05 -1.16 -4.68
CA ARG B 124 -13.14 -1.55 -5.77
C ARG B 124 -13.90 -2.18 -6.91
N ASN B 125 -14.87 -3.03 -6.58
CA ASN B 125 -15.73 -3.66 -7.57
C ASN B 125 -16.50 -2.64 -8.40
N HIS B 126 -17.00 -1.61 -7.72
CA HIS B 126 -17.78 -0.56 -8.39
C HIS B 126 -16.92 0.24 -9.36
N VAL B 127 -15.74 0.66 -8.90
CA VAL B 127 -14.82 1.40 -9.75
C VAL B 127 -14.40 0.56 -10.94
N ASN B 128 -14.16 -0.73 -10.73
CA ASN B 128 -13.80 -1.64 -11.81
C ASN B 128 -14.82 -1.60 -12.94
N ARG B 129 -16.09 -1.73 -12.56
CA ARG B 129 -17.19 -1.74 -13.51
C ARG B 129 -17.38 -0.37 -14.16
N MET B 130 -17.29 0.70 -13.37
CA MET B 130 -17.38 2.05 -13.89
C MET B 130 -16.29 2.34 -14.93
N CYS B 131 -15.07 1.91 -14.65
CA CYS B 131 -13.93 2.11 -15.54
C CYS B 131 -14.02 1.32 -16.86
N LEU B 132 -14.61 0.13 -16.80
CA LEU B 132 -14.83 -0.68 -18.00
C LEU B 132 -15.89 -0.02 -18.87
N ALA B 133 -16.96 0.44 -18.22
CA ALA B 133 -18.07 1.12 -18.88
C ALA B 133 -17.59 2.40 -19.55
N ALA B 134 -16.74 3.15 -18.84
CA ALA B 134 -16.19 4.40 -19.36
C ALA B 134 -15.11 4.17 -20.41
N ASP B 135 -14.55 2.96 -20.44
CA ASP B 135 -13.39 2.60 -21.26
C ASP B 135 -12.20 3.50 -20.94
N VAL B 136 -11.78 3.45 -19.67
CA VAL B 136 -10.74 4.30 -19.13
C VAL B 136 -9.77 3.47 -18.29
N PRO B 137 -8.45 3.57 -18.56
CA PRO B 137 -7.44 2.80 -17.83
C PRO B 137 -7.53 2.99 -16.32
N LEU B 138 -7.53 1.87 -15.59
CA LEU B 138 -7.60 1.89 -14.13
C LEU B 138 -6.35 1.26 -13.53
N ILE B 139 -5.71 1.98 -12.62
CA ILE B 139 -4.54 1.46 -11.92
C ILE B 139 -4.96 1.01 -10.54
N GLU B 140 -4.83 -0.30 -10.32
CA GLU B 140 -5.27 -0.95 -9.09
C GLU B 140 -4.07 -1.21 -8.19
N SER B 141 -4.19 -0.85 -6.91
CA SER B 141 -3.11 -1.07 -5.96
C SER B 141 -3.59 -1.49 -4.57
N GLY B 142 -2.73 -2.23 -3.87
CA GLY B 142 -3.00 -2.63 -2.49
C GLY B 142 -1.74 -2.82 -1.68
N THR B 143 -1.87 -2.77 -0.35
CA THR B 143 -0.73 -2.94 0.56
C THR B 143 -1.12 -3.66 1.84
N ALA B 144 -0.18 -4.41 2.41
CA ALA B 144 -0.30 -4.98 3.75
C ALA B 144 1.08 -5.18 4.36
N GLY B 145 1.41 -4.41 5.39
CA GLY B 145 2.74 -4.42 5.98
C GLY B 145 3.80 -4.08 4.95
N TYR B 146 4.79 -4.95 4.81
CA TYR B 146 5.84 -4.79 3.82
C TYR B 146 5.40 -5.13 2.38
N LEU B 147 4.27 -5.82 2.26
CA LEU B 147 3.83 -6.35 0.96
C LEU B 147 2.85 -5.43 0.23
N GLY B 148 2.77 -5.60 -1.09
CA GLY B 148 1.87 -4.81 -1.92
C GLY B 148 2.10 -5.03 -3.40
N GLN B 149 1.11 -4.62 -4.21
CA GLN B 149 1.22 -4.76 -5.66
C GLN B 149 0.54 -3.62 -6.40
N VAL B 150 0.88 -3.49 -7.68
CA VAL B 150 0.25 -2.53 -8.58
C VAL B 150 -0.04 -3.23 -9.90
N THR B 151 -1.19 -2.93 -10.49
CA THR B 151 -1.60 -3.51 -11.76
C THR B 151 -2.43 -2.53 -12.59
N THR B 152 -2.66 -2.86 -13.85
CA THR B 152 -3.39 -2.00 -14.78
C THR B 152 -4.55 -2.76 -15.41
N ILE B 153 -5.74 -2.16 -15.37
CA ILE B 153 -6.93 -2.75 -15.95
C ILE B 153 -7.39 -1.91 -17.14
N LYS B 154 -7.37 -2.52 -18.33
CA LYS B 154 -7.90 -1.87 -19.54
C LYS B 154 -8.89 -2.78 -20.26
N LYS B 155 -10.07 -2.25 -20.53
CA LYS B 155 -11.13 -2.99 -21.20
C LYS B 155 -10.63 -3.63 -22.50
N GLY B 156 -10.91 -4.91 -22.66
CA GLY B 156 -10.59 -5.65 -23.88
C GLY B 156 -9.11 -5.95 -24.09
N VAL B 157 -8.28 -5.59 -23.12
CA VAL B 157 -6.84 -5.82 -23.21
C VAL B 157 -6.34 -6.68 -22.04
N THR B 158 -6.68 -6.27 -20.82
CA THR B 158 -6.26 -6.97 -19.61
C THR B 158 -7.46 -7.55 -18.88
N GLU B 159 -7.19 -8.30 -17.80
CA GLU B 159 -8.26 -8.80 -16.93
C GLU B 159 -8.81 -7.66 -16.07
N CYS B 160 -10.11 -7.70 -15.79
CA CYS B 160 -10.71 -6.73 -14.88
C CYS B 160 -10.41 -7.14 -13.44
N TYR B 161 -10.66 -6.24 -12.49
CA TYR B 161 -10.42 -6.53 -11.08
C TYR B 161 -11.14 -7.81 -10.57
N GLU B 162 -12.06 -8.35 -11.36
CA GLU B 162 -12.88 -9.48 -10.91
C GLU B 162 -12.78 -10.76 -11.75
N CYS B 163 -11.78 -10.84 -12.61
CA CYS B 163 -11.59 -12.01 -13.46
C CYS B 163 -11.22 -13.26 -12.67
N HIS B 164 -10.55 -13.07 -11.54
CA HIS B 164 -10.17 -14.18 -10.68
C HIS B 164 -10.72 -14.04 -9.27
N PRO B 165 -11.07 -15.18 -8.63
CA PRO B 165 -11.59 -15.19 -7.26
C PRO B 165 -10.58 -14.60 -6.29
N LYS B 166 -11.04 -13.68 -5.46
CA LYS B 166 -10.20 -13.02 -4.47
C LYS B 166 -10.09 -13.88 -3.21
N PRO B 167 -8.86 -14.02 -2.66
CA PRO B 167 -8.69 -14.76 -1.42
C PRO B 167 -9.51 -14.13 -0.30
N THR B 168 -10.39 -14.92 0.31
CA THR B 168 -11.21 -14.46 1.43
C THR B 168 -10.31 -14.05 2.60
N GLN B 169 -10.52 -12.83 3.07
CA GLN B 169 -9.61 -12.16 4.00
C GLN B 169 -9.54 -12.83 5.38
N ARG B 170 -8.40 -13.46 5.65
CA ARG B 170 -8.13 -14.06 6.96
C ARG B 170 -7.29 -13.12 7.83
N THR B 171 -6.36 -12.41 7.19
CA THR B 171 -5.52 -11.41 7.86
C THR B 171 -5.92 -10.02 7.38
N PHE B 172 -5.93 -9.07 8.30
CA PHE B 172 -6.43 -7.72 7.99
C PHE B 172 -5.33 -6.65 8.02
N PRO B 173 -5.06 -6.03 6.86
CA PRO B 173 -4.13 -4.91 6.80
C PRO B 173 -4.70 -3.69 7.51
N GLY B 174 -3.97 -3.21 8.52
CA GLY B 174 -4.38 -2.00 9.24
C GLY B 174 -4.02 -0.78 8.41
N CYS B 175 -5.03 0.03 8.09
CA CYS B 175 -4.80 1.24 7.32
C CYS B 175 -4.98 2.52 8.14
N THR B 176 -4.88 3.66 7.45
CA THR B 176 -4.93 4.97 8.10
C THR B 176 -6.27 5.25 8.79
N ILE B 177 -6.22 5.21 10.13
CA ILE B 177 -7.37 5.29 11.05
C ILE B 177 -8.74 5.66 10.47
N ARG B 178 -9.69 4.74 10.62
CA ARG B 178 -11.03 4.86 10.04
C ARG B 178 -12.03 5.53 10.99
N ASN B 179 -12.83 6.45 10.45
CA ASN B 179 -13.84 7.16 11.24
C ASN B 179 -15.29 6.75 10.94
N THR B 180 -15.58 6.51 9.67
CA THR B 180 -16.89 6.03 9.26
C THR B 180 -16.78 4.56 8.85
N PRO B 181 -17.26 3.65 9.71
CA PRO B 181 -17.18 2.20 9.51
C PRO B 181 -17.99 1.70 8.32
N SER B 182 -17.36 0.84 7.52
CA SER B 182 -18.01 0.17 6.41
C SER B 182 -18.06 -1.33 6.70
N GLU B 183 -16.88 -1.91 6.88
CA GLU B 183 -16.73 -3.29 7.30
C GLU B 183 -16.70 -3.38 8.83
N PRO B 184 -17.09 -4.55 9.40
CA PRO B 184 -17.02 -4.74 10.86
C PRO B 184 -15.60 -4.68 11.41
N ILE B 185 -14.60 -4.91 10.56
CA ILE B 185 -13.19 -4.84 10.94
C ILE B 185 -12.75 -3.41 11.29
N HIS B 186 -13.41 -2.42 10.70
CA HIS B 186 -13.10 -1.01 10.95
C HIS B 186 -13.40 -0.59 12.40
N CYS B 187 -14.36 -1.29 13.02
CA CYS B 187 -14.71 -1.05 14.41
C CYS B 187 -13.75 -1.75 15.37
N ILE B 188 -13.25 -2.92 14.96
CA ILE B 188 -12.26 -3.66 15.72
C ILE B 188 -10.91 -2.93 15.72
N VAL B 189 -10.56 -2.33 14.57
CA VAL B 189 -9.37 -1.49 14.46
C VAL B 189 -9.51 -0.25 15.34
N TRP B 190 -10.70 0.36 15.31
CA TRP B 190 -11.01 1.54 16.12
C TRP B 190 -10.92 1.24 17.62
N ALA B 191 -11.46 0.09 18.04
CA ALA B 191 -11.44 -0.32 19.45
C ALA B 191 -10.04 -0.67 19.93
N LYS B 192 -9.27 -1.32 19.06
CA LYS B 192 -7.87 -1.65 19.34
C LYS B 192 -7.03 -0.37 19.41
N TYR B 193 -7.39 0.59 18.56
CA TYR B 193 -6.73 1.89 18.51
C TYR B 193 -7.09 2.74 19.74
N LEU B 194 -8.32 2.58 20.21
CA LEU B 194 -8.81 3.28 21.40
C LEU B 194 -8.20 2.70 22.67
N PHE B 195 -7.99 1.38 22.67
CA PHE B 195 -7.43 0.67 23.83
C PHE B 195 -5.98 1.10 24.13
N ASN B 196 -5.20 1.30 23.08
CA ASN B 196 -3.80 1.73 23.22
C ASN B 196 -3.65 3.25 23.28
N GLN B 197 -4.79 3.96 23.22
CA GLN B 197 -4.83 5.40 23.37
C GLN B 197 -5.34 5.77 24.77
N LEU B 198 -5.76 4.76 25.53
CA LEU B 198 -6.16 4.94 26.93
C LEU B 198 -5.20 4.23 27.88
N PHE B 199 -4.84 2.99 27.54
CA PHE B 199 -3.90 2.19 28.32
C PHE B 199 -2.63 1.89 27.53
N THR B 242 -11.81 16.59 23.65
CA THR B 242 -10.78 16.27 24.65
C THR B 242 -10.17 14.90 24.35
N LYS B 243 -8.84 14.87 24.32
CA LYS B 243 -8.08 13.66 23.99
C LYS B 243 -7.91 12.73 25.20
N GLU B 244 -7.65 13.32 26.37
CA GLU B 244 -7.44 12.56 27.60
C GLU B 244 -8.57 12.84 28.59
N TRP B 245 -9.77 12.40 28.23
CA TRP B 245 -10.95 12.62 29.05
C TRP B 245 -11.07 11.62 30.21
N ALA B 246 -10.44 10.46 30.04
CA ALA B 246 -10.40 9.43 31.08
C ALA B 246 -9.54 9.84 32.27
N LYS B 247 -8.47 10.59 31.97
CA LYS B 247 -7.54 11.07 33.00
C LYS B 247 -8.08 12.32 33.71
N SER B 248 -9.30 12.71 33.39
CA SER B 248 -9.94 13.88 33.99
C SER B 248 -11.22 13.53 34.76
N THR B 249 -11.97 12.56 34.24
CA THR B 249 -13.21 12.10 34.89
C THR B 249 -12.95 10.98 35.89
N GLY B 250 -11.72 10.47 35.91
CA GLY B 250 -11.33 9.40 36.82
C GLY B 250 -11.75 8.04 36.33
N TYR B 251 -11.53 7.78 35.04
CA TYR B 251 -11.87 6.52 34.39
C TYR B 251 -13.33 6.08 34.61
N ASP B 252 -14.24 7.04 34.47
CA ASP B 252 -15.67 6.78 34.58
C ASP B 252 -16.16 6.14 33.28
N PRO B 253 -16.61 4.87 33.36
CA PRO B 253 -17.07 4.16 32.17
C PRO B 253 -18.40 4.67 31.61
N VAL B 254 -19.08 5.53 32.38
CA VAL B 254 -20.34 6.14 31.96
C VAL B 254 -20.11 7.49 31.28
N LYS B 255 -19.13 8.25 31.79
CA LYS B 255 -18.78 9.56 31.23
C LYS B 255 -18.06 9.43 29.88
N LEU B 256 -17.23 8.40 29.74
CA LEU B 256 -16.52 8.12 28.50
C LEU B 256 -17.46 7.59 27.41
N PHE B 257 -18.47 6.84 27.85
CA PHE B 257 -19.53 6.31 26.99
C PHE B 257 -20.26 7.45 26.28
N THR B 258 -20.59 8.50 27.04
CA THR B 258 -21.43 9.59 26.56
C THR B 258 -20.67 10.69 25.81
N LYS B 259 -19.47 10.37 25.33
CA LYS B 259 -18.66 11.33 24.59
C LYS B 259 -18.35 10.89 23.15
N LEU B 260 -17.75 9.71 23.02
CA LEU B 260 -17.37 9.18 21.72
C LEU B 260 -18.47 8.32 21.10
N PHE B 261 -19.50 8.02 21.89
CA PHE B 261 -20.66 7.27 21.42
C PHE B 261 -21.94 8.11 21.46
N LYS B 262 -21.83 9.34 21.97
CA LYS B 262 -22.93 10.30 21.96
C LYS B 262 -22.58 11.57 21.18
N ASP B 263 -21.69 12.39 21.74
CA ASP B 263 -21.34 13.68 21.15
C ASP B 263 -20.60 13.57 19.82
N ASP B 264 -19.58 12.71 19.79
CA ASP B 264 -18.71 12.55 18.63
C ASP B 264 -19.46 12.16 17.35
N ILE B 265 -20.48 11.31 17.51
CA ILE B 265 -21.27 10.83 16.38
C ILE B 265 -22.39 11.80 16.02
N ARG B 266 -22.91 12.53 17.02
CA ARG B 266 -23.86 13.62 16.78
C ARG B 266 -23.16 14.80 16.11
N TYR B 267 -21.85 14.92 16.34
CA TYR B 267 -21.01 15.92 15.69
C TYR B 267 -20.78 15.56 14.22
N LEU B 268 -20.80 14.25 13.93
CA LEU B 268 -20.63 13.75 12.57
C LEU B 268 -21.90 13.92 11.72
N LEU B 269 -23.04 14.09 12.41
CA LEU B 269 -24.33 14.24 11.74
C LEU B 269 -24.59 15.67 11.25
N THR B 270 -23.71 16.61 11.62
CA THR B 270 -23.79 18.00 11.16
C THR B 270 -23.55 18.09 9.65
N MET B 271 -22.72 17.19 9.14
CA MET B 271 -22.43 17.08 7.71
C MET B 271 -23.19 15.92 7.08
N ASP B 272 -24.17 16.25 6.22
CA ASP B 272 -24.98 15.25 5.53
C ASP B 272 -24.47 14.94 4.12
N LYS B 273 -23.16 15.09 3.92
CA LYS B 273 -22.52 14.78 2.65
C LYS B 273 -22.57 13.29 2.35
N LEU B 274 -22.40 12.48 3.39
CA LEU B 274 -22.53 11.03 3.31
C LEU B 274 -23.99 10.62 3.53
N TRP B 275 -24.66 11.31 4.44
CA TRP B 275 -26.03 10.97 4.83
C TRP B 275 -27.04 11.70 3.96
N ARG B 276 -27.13 11.27 2.70
CA ARG B 276 -28.10 11.78 1.74
C ARG B 276 -28.69 10.62 0.93
N LYS B 277 -27.84 9.65 0.60
CA LYS B 277 -28.27 8.43 -0.08
C LYS B 277 -27.85 7.19 0.71
N ARG B 278 -26.84 7.34 1.57
CA ARG B 278 -26.33 6.26 2.41
C ARG B 278 -26.97 6.30 3.81
N LYS B 279 -27.03 5.13 4.45
CA LYS B 279 -27.70 4.96 5.74
C LYS B 279 -27.03 5.76 6.87
N PRO B 280 -27.80 6.64 7.54
CA PRO B 280 -27.32 7.47 8.65
C PRO B 280 -27.02 6.68 9.92
N PRO B 281 -26.04 7.13 10.73
CA PRO B 281 -25.70 6.48 12.00
C PRO B 281 -26.65 6.87 13.15
N VAL B 282 -26.88 5.95 14.08
CA VAL B 282 -27.83 6.16 15.18
C VAL B 282 -27.11 6.32 16.52
N PRO B 283 -27.11 7.55 17.07
CA PRO B 283 -26.49 7.88 18.36
C PRO B 283 -27.08 7.10 19.54
N LEU B 284 -26.27 6.92 20.59
CA LEU B 284 -26.69 6.19 21.78
C LEU B 284 -26.47 6.98 23.06
N ASP B 285 -27.39 6.81 24.01
CA ASP B 285 -27.29 7.40 25.35
C ASP B 285 -27.26 6.28 26.38
N TRP B 286 -26.46 6.46 27.43
CA TRP B 286 -26.30 5.44 28.47
C TRP B 286 -27.59 5.06 29.19
N ALA B 287 -28.44 6.07 29.45
CA ALA B 287 -29.73 5.86 30.10
C ALA B 287 -30.72 5.11 29.21
N GLU B 288 -30.53 5.22 27.90
CA GLU B 288 -31.37 4.51 26.92
C GLU B 288 -31.08 3.01 26.90
N VAL B 289 -29.79 2.67 26.94
CA VAL B 289 -29.35 1.28 26.83
C VAL B 289 -29.77 0.45 28.06
N GLN B 290 -29.74 1.07 29.23
CA GLN B 290 -30.20 0.45 30.46
C GLN B 290 -31.70 0.15 30.40
N SER B 291 -32.46 1.06 29.77
CA SER B 291 -33.91 0.91 29.63
C SER B 291 -34.29 -0.22 28.68
N GLN B 292 -34.05 -0.02 27.38
CA GLN B 292 -34.38 -1.01 26.36
C GLN B 292 -33.93 -0.60 24.98
N ASP B 311 -16.88 -18.03 24.04
CA ASP B 311 -18.15 -18.42 23.45
C ASP B 311 -18.48 -17.64 22.17
N GLN B 312 -19.22 -18.29 21.27
CA GLN B 312 -19.52 -17.75 19.95
C GLN B 312 -20.89 -17.06 19.89
N GLN B 313 -21.47 -16.79 21.05
CA GLN B 313 -22.79 -16.17 21.13
C GLN B 313 -22.75 -14.67 20.83
N VAL B 314 -23.60 -14.22 19.91
CA VAL B 314 -23.80 -12.81 19.64
C VAL B 314 -24.86 -12.26 20.60
N LEU B 315 -24.45 -11.28 21.41
CA LEU B 315 -25.28 -10.75 22.49
C LEU B 315 -25.94 -9.41 22.14
N ASP B 316 -26.78 -8.90 23.05
CA ASP B 316 -27.49 -7.64 22.84
C ASP B 316 -26.67 -6.42 23.28
N VAL B 317 -27.20 -5.23 23.00
CA VAL B 317 -26.54 -3.95 23.28
C VAL B 317 -26.30 -3.68 24.77
N LYS B 318 -27.25 -4.11 25.61
CA LYS B 318 -27.18 -3.90 27.05
C LYS B 318 -25.98 -4.59 27.68
N SER B 319 -25.73 -5.83 27.24
CA SER B 319 -24.63 -6.64 27.76
C SER B 319 -23.25 -6.08 27.38
N TYR B 320 -23.11 -5.60 26.15
CA TYR B 320 -21.83 -5.01 25.70
C TYR B 320 -21.55 -3.64 26.32
N ALA B 321 -22.63 -2.92 26.66
CA ALA B 321 -22.51 -1.66 27.39
C ALA B 321 -22.07 -1.90 28.83
N ARG B 322 -22.55 -3.01 29.40
CA ARG B 322 -22.17 -3.43 30.75
C ARG B 322 -20.76 -4.00 30.78
N LEU B 323 -20.41 -4.79 29.76
CA LEU B 323 -19.06 -5.35 29.62
C LEU B 323 -18.04 -4.24 29.36
N PHE B 324 -18.51 -3.17 28.72
CA PHE B 324 -17.71 -1.95 28.51
C PHE B 324 -17.34 -1.32 29.84
N SER B 325 -18.32 -1.26 30.76
CA SER B 325 -18.09 -0.72 32.10
C SER B 325 -17.35 -1.72 32.99
N LYS B 326 -17.50 -3.01 32.69
CA LYS B 326 -16.78 -4.08 33.38
C LYS B 326 -15.29 -4.07 33.02
N SER B 327 -15.01 -3.95 31.72
CA SER B 327 -13.65 -3.89 31.21
C SER B 327 -12.88 -2.71 31.79
N ILE B 328 -13.51 -1.54 31.82
CA ILE B 328 -12.92 -0.33 32.36
C ILE B 328 -12.69 -0.43 33.87
N GLU B 329 -13.61 -1.10 34.57
CA GLU B 329 -13.49 -1.34 36.01
C GLU B 329 -12.33 -2.27 36.34
N THR B 330 -12.00 -3.17 35.41
CA THR B 330 -10.94 -4.15 35.60
C THR B 330 -9.58 -3.62 35.15
N LEU B 331 -9.54 -2.99 33.99
CA LEU B 331 -8.29 -2.54 33.37
C LEU B 331 -7.61 -1.38 34.10
N ARG B 332 -8.38 -0.61 34.86
CA ARG B 332 -7.84 0.52 35.60
C ARG B 332 -6.97 0.09 36.80
N VAL B 333 -7.15 -1.16 37.22
CA VAL B 333 -6.31 -1.77 38.24
C VAL B 333 -4.92 -2.06 37.66
N HIS B 334 -4.91 -2.47 36.39
CA HIS B 334 -3.66 -2.65 35.64
C HIS B 334 -2.92 -1.32 35.51
N LEU B 335 -3.69 -0.25 35.30
CA LEU B 335 -3.15 1.09 35.10
C LEU B 335 -2.50 1.67 36.37
N ALA B 336 -2.99 1.25 37.52
CA ALA B 336 -2.49 1.72 38.81
C ALA B 336 -0.99 1.48 39.00
N GLU B 337 -0.50 0.39 38.43
CA GLU B 337 0.92 0.05 38.49
C GLU B 337 1.72 0.79 37.40
N LYS B 338 3.00 1.03 37.69
CA LYS B 338 3.90 1.78 36.81
C LYS B 338 3.40 3.21 36.54
N ASP B 347 0.20 -5.84 24.62
CA ASP B 347 -0.62 -6.84 25.29
C ASP B 347 -2.02 -6.90 24.68
N LYS B 348 -2.61 -8.10 24.68
CA LYS B 348 -3.98 -8.34 24.21
C LYS B 348 -4.51 -9.69 24.72
N ASP B 349 -3.60 -10.51 25.25
CA ASP B 349 -3.89 -11.89 25.66
C ASP B 349 -4.90 -12.00 26.80
N ASP B 350 -4.79 -11.12 27.80
CA ASP B 350 -5.67 -11.15 28.97
C ASP B 350 -7.13 -10.86 28.61
N PRO B 351 -8.07 -11.61 29.20
CA PRO B 351 -9.50 -11.50 28.87
C PRO B 351 -10.06 -10.09 28.98
N SER B 352 -9.73 -9.39 30.05
CA SER B 352 -10.22 -8.03 30.31
C SER B 352 -9.82 -7.03 29.22
N ALA B 353 -8.64 -7.21 28.64
CA ALA B 353 -8.18 -6.40 27.52
C ALA B 353 -9.00 -6.66 26.27
N MET B 354 -9.27 -7.94 26.00
CA MET B 354 -10.07 -8.37 24.85
C MET B 354 -11.57 -8.08 25.05
N ASP B 355 -12.02 -8.12 26.31
CA ASP B 355 -13.40 -7.78 26.65
C ASP B 355 -13.73 -6.32 26.28
N PHE B 356 -12.73 -5.45 26.36
CA PHE B 356 -12.86 -4.05 25.96
C PHE B 356 -13.04 -3.95 24.45
N VAL B 357 -12.18 -4.64 23.71
CA VAL B 357 -12.18 -4.65 22.25
C VAL B 357 -13.52 -5.17 21.69
N THR B 358 -14.01 -6.26 22.27
CA THR B 358 -15.30 -6.83 21.89
C THR B 358 -16.44 -5.81 22.11
N SER B 359 -16.39 -5.10 23.24
CA SER B 359 -17.45 -4.15 23.60
C SER B 359 -17.42 -2.85 22.78
N ALA B 360 -16.30 -2.13 22.84
CA ALA B 360 -16.17 -0.83 22.17
C ALA B 360 -16.37 -0.91 20.65
N ALA B 361 -16.08 -2.07 20.08
CA ALA B 361 -16.28 -2.32 18.65
C ALA B 361 -17.74 -2.58 18.33
N ASN B 362 -18.31 -3.60 18.98
CA ASN B 362 -19.73 -3.94 18.80
C ASN B 362 -20.67 -2.79 19.09
N LEU B 363 -20.23 -1.91 19.99
CA LEU B 363 -20.95 -0.69 20.33
C LEU B 363 -21.00 0.24 19.10
N ARG B 364 -19.84 0.47 18.50
CA ARG B 364 -19.73 1.28 17.29
C ARG B 364 -20.40 0.59 16.10
N MET B 365 -20.35 -0.74 16.07
CA MET B 365 -21.01 -1.54 15.05
C MET B 365 -22.52 -1.33 15.05
N HIS B 366 -23.13 -1.32 16.24
CA HIS B 366 -24.56 -1.07 16.38
C HIS B 366 -24.96 0.34 15.96
N ILE B 367 -24.10 1.32 16.26
CA ILE B 367 -24.33 2.71 15.90
C ILE B 367 -24.34 2.90 14.38
N PHE B 368 -23.39 2.26 13.69
CA PHE B 368 -23.26 2.39 12.25
C PHE B 368 -23.97 1.28 11.46
N SER B 369 -25.15 0.89 11.94
CA SER B 369 -26.02 -0.08 11.28
C SER B 369 -25.29 -1.34 10.79
N MET B 370 -24.46 -1.90 11.67
CA MET B 370 -23.66 -3.07 11.35
C MET B 370 -23.96 -4.18 12.34
N ASN B 371 -24.11 -5.40 11.83
CA ASN B 371 -24.42 -6.57 12.65
C ASN B 371 -23.27 -6.87 13.62
N MET B 372 -23.61 -7.01 14.90
CA MET B 372 -22.60 -7.22 15.95
C MET B 372 -21.95 -8.60 15.89
N LYS B 373 -20.68 -8.65 16.25
CA LYS B 373 -19.89 -9.89 16.21
C LYS B 373 -19.66 -10.46 17.62
N SER B 374 -19.43 -11.77 17.68
CA SER B 374 -19.17 -12.46 18.95
C SER B 374 -17.70 -12.30 19.37
N ARG B 375 -17.40 -12.70 20.61
CA ARG B 375 -16.05 -12.61 21.16
C ARG B 375 -15.05 -13.45 20.36
N PHE B 376 -15.45 -14.67 20.02
CA PHE B 376 -14.62 -15.61 19.25
C PHE B 376 -14.18 -15.02 17.90
N ASP B 377 -15.13 -14.43 17.18
CA ASP B 377 -14.86 -13.84 15.87
C ASP B 377 -13.94 -12.63 15.96
N ILE B 378 -14.18 -11.77 16.95
CA ILE B 378 -13.37 -10.56 17.15
C ILE B 378 -11.96 -10.91 17.64
N LYS B 379 -11.85 -11.88 18.54
CA LYS B 379 -10.55 -12.34 19.06
C LYS B 379 -9.55 -12.71 17.97
N SER B 380 -9.98 -13.56 17.04
CA SER B 380 -9.13 -14.02 15.94
C SER B 380 -8.86 -12.91 14.93
N MET B 381 -9.89 -12.10 14.66
CA MET B 381 -9.77 -10.95 13.78
C MET B 381 -8.77 -9.92 14.29
N ALA B 382 -8.87 -9.59 15.58
CA ALA B 382 -7.99 -8.61 16.22
C ALA B 382 -6.54 -9.08 16.22
N GLY B 383 -6.35 -10.40 16.38
CA GLY B 383 -5.02 -11.00 16.34
C GLY B 383 -4.44 -11.03 14.94
N ASN B 384 -5.30 -10.89 13.94
CA ASN B 384 -4.88 -10.95 12.54
C ASN B 384 -4.63 -9.59 11.88
N ILE B 385 -4.66 -8.53 12.68
CA ILE B 385 -4.40 -7.19 12.19
C ILE B 385 -2.90 -6.98 11.94
N ILE B 386 -2.54 -6.90 10.67
CA ILE B 386 -1.18 -6.57 10.27
C ILE B 386 -0.98 -5.06 10.45
N PRO B 387 0.01 -4.67 11.27
CA PRO B 387 0.31 -3.26 11.49
C PRO B 387 0.77 -2.55 10.21
N ALA B 388 0.38 -1.29 10.07
CA ALA B 388 0.71 -0.49 8.90
C ALA B 388 2.17 -0.07 8.88
N ILE B 389 2.76 -0.06 7.69
CA ILE B 389 4.09 0.49 7.48
C ILE B 389 3.97 1.58 6.42
N ALA B 390 4.00 2.84 6.86
CA ALA B 390 3.75 4.00 6.02
C ALA B 390 4.70 4.09 4.81
N THR B 391 5.91 3.57 4.99
CA THR B 391 6.94 3.60 3.97
C THR B 391 6.58 2.75 2.75
N THR B 392 5.80 1.69 2.97
CA THR B 392 5.33 0.80 1.90
C THR B 392 4.29 1.49 1.03
N ASN B 393 3.44 2.29 1.66
CA ASN B 393 2.44 3.07 0.94
C ASN B 393 3.07 4.12 0.03
N ALA B 394 4.23 4.63 0.45
CA ALA B 394 5.01 5.56 -0.36
C ALA B 394 5.57 4.88 -1.60
N VAL B 395 6.09 3.67 -1.42
CA VAL B 395 6.64 2.88 -2.53
C VAL B 395 5.55 2.58 -3.59
N ILE B 396 4.39 2.14 -3.12
CA ILE B 396 3.28 1.80 -4.01
C ILE B 396 2.73 3.02 -4.75
N ALA B 397 2.60 4.14 -4.05
CA ALA B 397 2.07 5.36 -4.65
C ALA B 397 3.03 5.89 -5.72
N GLY B 398 4.32 5.62 -5.55
CA GLY B 398 5.31 5.98 -6.56
C GLY B 398 5.24 5.07 -7.76
N LEU B 399 4.91 3.80 -7.53
CA LEU B 399 4.82 2.82 -8.60
C LEU B 399 3.59 3.09 -9.47
N ILE B 400 2.50 3.52 -8.84
CA ILE B 400 1.26 3.88 -9.52
C ILE B 400 1.52 4.94 -10.59
N VAL B 401 2.15 6.04 -10.18
CA VAL B 401 2.45 7.13 -11.09
C VAL B 401 3.31 6.64 -12.26
N LEU B 402 4.31 5.81 -11.95
CA LEU B 402 5.19 5.27 -12.99
C LEU B 402 4.46 4.40 -14.02
N GLU B 403 3.47 3.66 -13.56
CA GLU B 403 2.58 2.92 -14.45
C GLU B 403 1.70 3.89 -15.23
N GLY B 404 1.20 4.91 -14.55
CA GLY B 404 0.43 5.98 -15.18
C GLY B 404 1.15 6.60 -16.36
N LEU B 405 2.42 6.93 -16.17
CA LEU B 405 3.23 7.57 -17.21
C LEU B 405 3.36 6.74 -18.49
N LYS B 406 3.45 5.42 -18.35
CA LYS B 406 3.58 4.51 -19.50
C LYS B 406 2.30 4.44 -20.31
N ILE B 407 1.16 4.39 -19.60
CA ILE B 407 -0.16 4.37 -20.23
C ILE B 407 -0.38 5.66 -21.03
N LEU B 408 -0.16 6.80 -20.38
CA LEU B 408 -0.34 8.11 -21.02
C LEU B 408 0.73 8.35 -22.09
N SER B 409 1.77 7.51 -22.07
CA SER B 409 2.80 7.50 -23.09
C SER B 409 2.37 6.62 -24.29
N GLY B 410 1.29 5.88 -24.10
CA GLY B 410 0.76 4.96 -25.12
C GLY B 410 1.51 3.64 -25.14
N LYS B 411 2.22 3.36 -24.05
CA LYS B 411 3.04 2.15 -23.93
C LYS B 411 2.47 1.16 -22.93
N ILE B 412 1.17 0.89 -23.04
CA ILE B 412 0.48 -0.03 -22.13
C ILE B 412 1.07 -1.44 -22.20
N ASP B 413 1.55 -1.80 -23.39
CA ASP B 413 2.25 -3.07 -23.62
C ASP B 413 3.50 -3.25 -22.74
N GLN B 414 3.97 -2.14 -22.16
CA GLN B 414 5.13 -2.18 -21.26
C GLN B 414 4.72 -2.22 -19.79
N CYS B 415 3.42 -2.08 -19.53
CA CYS B 415 2.90 -2.15 -18.16
C CYS B 415 3.02 -3.54 -17.58
N ARG B 416 3.02 -3.61 -16.26
CA ARG B 416 3.34 -4.84 -15.57
C ARG B 416 2.53 -4.89 -14.28
N THR B 417 2.24 -6.10 -13.80
CA THR B 417 1.74 -6.25 -12.44
C THR B 417 2.98 -6.35 -11.55
N ILE B 418 3.15 -5.35 -10.68
CA ILE B 418 4.36 -5.29 -9.87
C ILE B 418 4.08 -5.69 -8.42
N PHE B 419 4.73 -6.75 -7.97
CA PHE B 419 4.63 -7.20 -6.59
C PHE B 419 5.82 -6.72 -5.77
N LEU B 420 5.55 -6.30 -4.55
CA LEU B 420 6.60 -5.91 -3.63
C LEU B 420 6.84 -7.00 -2.59
N ASN B 421 8.11 -7.31 -2.38
CA ASN B 421 8.53 -8.33 -1.43
C ASN B 421 9.14 -7.71 -0.18
N LYS B 422 9.27 -8.52 0.88
CA LYS B 422 9.95 -8.12 2.09
C LYS B 422 11.44 -8.35 1.89
N GLN B 423 11.77 -9.52 1.33
CA GLN B 423 13.13 -9.91 1.05
C GLN B 423 13.30 -10.20 -0.45
N PRO B 424 14.53 -10.04 -0.98
CA PRO B 424 14.80 -10.42 -2.36
C PRO B 424 14.60 -11.91 -2.59
N ASN B 425 13.96 -12.28 -3.69
CA ASN B 425 13.77 -13.68 -4.06
C ASN B 425 15.08 -14.32 -4.57
N PRO B 426 15.07 -15.62 -4.91
CA PRO B 426 16.30 -16.28 -5.35
C PRO B 426 16.94 -15.59 -6.57
N ARG B 427 16.10 -14.97 -7.40
CA ARG B 427 16.54 -14.20 -8.56
C ARG B 427 16.93 -12.76 -8.19
N LYS B 428 17.11 -12.51 -6.88
CA LYS B 428 17.54 -11.22 -6.33
C LYS B 428 16.54 -10.07 -6.56
N LYS B 429 15.26 -10.40 -6.62
CA LYS B 429 14.23 -9.41 -6.95
C LYS B 429 13.35 -9.03 -5.75
N LEU B 430 13.37 -7.74 -5.42
CA LEU B 430 12.53 -7.19 -4.36
C LEU B 430 11.24 -6.63 -4.95
N LEU B 431 11.33 -6.10 -6.16
CA LEU B 431 10.15 -5.73 -6.94
C LEU B 431 10.02 -6.71 -8.10
N VAL B 432 8.87 -7.37 -8.16
CA VAL B 432 8.66 -8.42 -9.16
C VAL B 432 7.59 -7.97 -10.16
N PRO B 433 8.03 -7.60 -11.38
CA PRO B 433 7.11 -7.25 -12.46
C PRO B 433 6.64 -8.49 -13.21
N CYS B 434 5.35 -8.51 -13.55
CA CYS B 434 4.74 -9.66 -14.24
C CYS B 434 3.87 -9.21 -15.40
N ALA B 435 3.86 -10.01 -16.46
CA ALA B 435 3.03 -9.73 -17.63
C ALA B 435 1.56 -9.60 -17.23
N LEU B 436 0.85 -8.68 -17.88
CA LEU B 436 -0.58 -8.51 -17.65
C LEU B 436 -1.34 -9.62 -18.35
N ASP B 437 -2.28 -10.23 -17.62
CA ASP B 437 -3.06 -11.35 -18.13
C ASP B 437 -4.22 -10.85 -18.97
N PRO B 438 -4.53 -11.57 -20.08
CA PRO B 438 -5.71 -11.27 -20.90
C PRO B 438 -7.00 -11.56 -20.15
N PRO B 439 -8.14 -10.99 -20.61
CA PRO B 439 -9.44 -11.23 -19.98
C PRO B 439 -9.76 -12.71 -19.81
N ASN B 440 -10.36 -13.05 -18.67
CA ASN B 440 -10.85 -14.39 -18.42
C ASN B 440 -12.21 -14.57 -19.09
N PRO B 441 -12.30 -15.45 -20.11
CA PRO B 441 -13.55 -15.68 -20.84
C PRO B 441 -14.72 -16.02 -19.92
N ASN B 442 -14.43 -16.55 -18.75
CA ASN B 442 -15.45 -16.98 -17.79
C ASN B 442 -15.82 -15.94 -16.71
N CYS B 443 -15.10 -14.81 -16.69
CA CYS B 443 -15.37 -13.73 -15.73
C CYS B 443 -16.83 -13.29 -15.77
N TYR B 444 -17.44 -13.16 -14.60
CA TYR B 444 -18.87 -12.83 -14.53
C TYR B 444 -19.13 -11.33 -14.65
N VAL B 445 -18.08 -10.55 -14.94
CA VAL B 445 -18.20 -9.11 -15.08
C VAL B 445 -17.85 -8.62 -16.48
N CYS B 446 -16.60 -8.80 -16.91
CA CYS B 446 -16.10 -8.19 -18.14
C CYS B 446 -16.34 -9.02 -19.42
N ALA B 447 -16.81 -10.25 -19.27
CA ALA B 447 -17.14 -11.09 -20.43
C ALA B 447 -18.49 -10.69 -21.00
N SER B 448 -18.69 -11.02 -22.28
CA SER B 448 -19.94 -10.71 -22.97
C SER B 448 -21.04 -11.68 -22.53
N LYS B 449 -22.17 -11.12 -22.11
CA LYS B 449 -23.34 -11.88 -21.63
C LYS B 449 -23.02 -12.77 -20.43
N PRO B 450 -22.63 -12.16 -19.28
CA PRO B 450 -22.24 -12.95 -18.11
C PRO B 450 -23.43 -13.56 -17.35
N GLU B 451 -23.21 -14.73 -16.75
CA GLU B 451 -24.29 -15.51 -16.13
C GLU B 451 -23.81 -16.29 -14.91
N VAL B 452 -24.61 -16.30 -13.85
CA VAL B 452 -24.27 -17.00 -12.60
C VAL B 452 -25.37 -17.96 -12.14
N THR B 453 -25.18 -18.57 -10.97
CA THR B 453 -26.18 -19.47 -10.39
C THR B 453 -26.18 -19.36 -8.85
N VAL B 454 -27.38 -19.17 -8.28
CA VAL B 454 -27.54 -19.03 -6.83
C VAL B 454 -28.53 -20.05 -6.28
N ARG B 455 -28.10 -20.78 -5.24
CA ARG B 455 -28.99 -21.68 -4.49
C ARG B 455 -29.48 -21.00 -3.22
N LEU B 456 -30.79 -21.00 -3.01
CA LEU B 456 -31.40 -20.33 -1.85
C LEU B 456 -32.74 -20.93 -1.45
N ASN B 457 -33.18 -20.62 -0.23
CA ASN B 457 -34.49 -21.03 0.28
C ASN B 457 -35.54 -19.98 -0.06
N VAL B 458 -36.46 -20.33 -0.95
CA VAL B 458 -37.44 -19.38 -1.48
C VAL B 458 -38.55 -19.02 -0.47
N HIS B 459 -38.79 -19.92 0.49
CA HIS B 459 -39.84 -19.73 1.48
C HIS B 459 -39.39 -18.89 2.68
N LYS B 460 -38.08 -18.70 2.81
CA LYS B 460 -37.51 -17.96 3.93
C LYS B 460 -37.02 -16.58 3.48
N VAL B 461 -36.20 -16.58 2.42
CA VAL B 461 -35.58 -15.36 1.90
C VAL B 461 -36.61 -14.44 1.23
N THR B 462 -36.57 -13.16 1.59
CA THR B 462 -37.47 -12.16 1.03
C THR B 462 -36.77 -11.31 -0.03
N VAL B 463 -37.53 -10.42 -0.67
CA VAL B 463 -37.00 -9.53 -1.71
C VAL B 463 -35.98 -8.55 -1.12
N LEU B 464 -36.23 -8.09 0.09
CA LEU B 464 -35.29 -7.22 0.82
C LEU B 464 -33.97 -7.94 1.11
N THR B 465 -34.08 -9.23 1.45
CA THR B 465 -32.90 -10.06 1.67
C THR B 465 -32.20 -10.36 0.35
N LEU B 466 -32.98 -10.45 -0.72
CA LEU B 466 -32.45 -10.62 -2.07
C LEU B 466 -31.72 -9.35 -2.52
N GLN B 467 -32.34 -8.19 -2.29
CA GLN B 467 -31.79 -6.92 -2.73
C GLN B 467 -30.53 -6.53 -1.94
N ASP B 468 -30.66 -6.44 -0.62
CA ASP B 468 -29.60 -5.91 0.24
C ASP B 468 -28.46 -6.89 0.56
N LYS B 469 -28.71 -8.18 0.43
CA LYS B 469 -27.70 -9.17 0.82
C LYS B 469 -27.27 -10.16 -0.27
N ILE B 470 -27.98 -10.19 -1.40
CA ILE B 470 -27.63 -11.09 -2.51
C ILE B 470 -27.32 -10.34 -3.81
N VAL B 471 -28.13 -9.32 -4.13
CA VAL B 471 -27.94 -8.54 -5.35
C VAL B 471 -26.95 -7.39 -5.15
N LYS B 472 -27.08 -6.69 -4.01
CA LYS B 472 -26.21 -5.56 -3.70
C LYS B 472 -24.92 -5.92 -2.97
N GLU B 473 -25.00 -6.83 -2.00
CA GLU B 473 -23.85 -7.19 -1.17
C GLU B 473 -22.86 -8.15 -1.86
N LYS B 474 -23.32 -9.37 -2.17
CA LYS B 474 -22.48 -10.40 -2.79
C LYS B 474 -22.04 -10.04 -4.21
N PHE B 475 -23.01 -9.73 -5.08
CA PHE B 475 -22.73 -9.37 -6.49
C PHE B 475 -22.36 -7.90 -6.70
N ALA B 476 -22.21 -7.15 -5.60
CA ALA B 476 -21.69 -5.78 -5.60
C ALA B 476 -22.34 -4.80 -6.58
N MET B 477 -23.67 -4.83 -6.65
CA MET B 477 -24.41 -3.85 -7.43
C MET B 477 -24.81 -2.66 -6.56
N VAL B 478 -24.98 -1.51 -7.20
CA VAL B 478 -25.26 -0.26 -6.49
C VAL B 478 -26.71 0.19 -6.67
N ALA B 479 -27.15 0.35 -7.93
CA ALA B 479 -28.52 0.74 -8.23
C ALA B 479 -29.18 -0.28 -9.17
N PRO B 480 -29.51 -1.48 -8.65
CA PRO B 480 -29.98 -2.56 -9.51
C PRO B 480 -31.47 -2.50 -9.82
N ASP B 481 -31.85 -3.13 -10.94
CA ASP B 481 -33.23 -3.32 -11.35
C ASP B 481 -33.39 -4.78 -11.77
N VAL B 482 -34.33 -5.47 -11.14
CA VAL B 482 -34.46 -6.92 -11.34
C VAL B 482 -35.82 -7.32 -11.89
N GLN B 483 -35.81 -8.08 -13.00
CA GLN B 483 -37.01 -8.64 -13.60
C GLN B 483 -36.85 -10.14 -13.88
N ILE B 484 -37.96 -10.86 -13.87
CA ILE B 484 -37.95 -12.31 -14.10
C ILE B 484 -37.95 -12.62 -15.60
N GLU B 485 -37.12 -13.58 -15.99
CA GLU B 485 -37.07 -14.08 -17.36
C GLU B 485 -38.25 -14.99 -17.66
N ASP B 486 -39.16 -14.52 -18.51
CA ASP B 486 -40.32 -15.31 -18.96
C ASP B 486 -41.02 -14.69 -20.18
N GLY B 487 -40.36 -13.70 -20.80
CA GLY B 487 -40.95 -12.97 -21.92
C GLY B 487 -42.09 -12.08 -21.48
N LYS B 488 -41.93 -11.47 -20.31
CA LYS B 488 -42.95 -10.62 -19.70
C LYS B 488 -42.28 -9.45 -18.98
N GLY B 489 -41.25 -9.77 -18.20
CA GLY B 489 -40.42 -8.76 -17.53
C GLY B 489 -41.09 -8.10 -16.35
N THR B 490 -41.48 -8.91 -15.37
CA THR B 490 -42.09 -8.42 -14.14
C THR B 490 -41.02 -7.83 -13.22
N ILE B 491 -41.20 -6.56 -12.86
CA ILE B 491 -40.22 -5.86 -12.03
C ILE B 491 -40.33 -6.26 -10.55
N LEU B 492 -39.37 -7.05 -10.10
CA LEU B 492 -39.27 -7.43 -8.69
C LEU B 492 -38.63 -6.30 -7.89
N ILE B 493 -37.47 -5.85 -8.34
CA ILE B 493 -36.72 -4.77 -7.71
C ILE B 493 -36.60 -3.58 -8.66
N SER B 494 -36.94 -2.39 -8.15
CA SER B 494 -36.76 -1.16 -8.89
C SER B 494 -35.81 -0.23 -8.15
N SER B 495 -34.78 0.24 -8.86
CA SER B 495 -33.81 1.21 -8.30
C SER B 495 -34.47 2.56 -8.08
N GLU B 496 -35.46 2.89 -8.92
CA GLU B 496 -36.24 4.10 -8.79
C GLU B 496 -37.13 4.01 -7.55
N GLU B 497 -36.87 4.89 -6.59
CA GLU B 497 -37.52 4.87 -5.28
C GLU B 497 -39.01 5.16 -5.39
N GLY B 498 -39.82 4.35 -4.71
CA GLY B 498 -41.27 4.51 -4.71
C GLY B 498 -41.97 3.75 -5.82
N GLU B 499 -41.49 2.53 -6.08
CA GLU B 499 -42.07 1.67 -7.12
C GLU B 499 -42.32 0.25 -6.61
N THR B 500 -41.30 -0.37 -6.04
CA THR B 500 -41.41 -1.74 -5.52
C THR B 500 -41.06 -1.82 -4.02
N GLU B 501 -41.36 -0.73 -3.30
CA GLU B 501 -41.02 -0.62 -1.88
C GLU B 501 -41.81 -1.61 -1.00
N ALA B 502 -43.06 -1.87 -1.39
CA ALA B 502 -43.93 -2.78 -0.64
C ALA B 502 -43.60 -4.26 -0.84
N ASN B 503 -42.73 -4.53 -1.81
CA ASN B 503 -42.32 -5.90 -2.14
C ASN B 503 -41.28 -6.47 -1.18
N ASN B 504 -40.59 -5.59 -0.46
CA ASN B 504 -39.47 -5.95 0.41
C ASN B 504 -39.73 -7.08 1.41
N HIS B 505 -40.83 -6.97 2.16
CA HIS B 505 -41.15 -7.94 3.20
C HIS B 505 -41.68 -9.26 2.65
N LYS B 506 -42.16 -9.22 1.40
CA LYS B 506 -42.80 -10.37 0.76
C LYS B 506 -41.80 -11.44 0.35
N LYS B 507 -42.21 -12.70 0.50
CA LYS B 507 -41.40 -13.86 0.09
C LYS B 507 -41.33 -13.98 -1.42
N LEU B 508 -40.22 -14.54 -1.91
CA LEU B 508 -39.95 -14.65 -3.34
C LEU B 508 -40.88 -15.63 -4.06
N SER B 509 -41.35 -16.65 -3.33
CA SER B 509 -42.26 -17.65 -3.87
C SER B 509 -43.64 -17.08 -4.23
N GLU B 510 -43.99 -15.96 -3.59
CA GLU B 510 -45.25 -15.26 -3.86
C GLU B 510 -45.27 -14.61 -5.24
N PHE B 511 -44.11 -14.53 -5.87
CA PHE B 511 -43.97 -13.95 -7.20
C PHE B 511 -43.77 -15.03 -8.27
N GLY B 512 -43.99 -16.28 -7.87
CA GLY B 512 -43.86 -17.42 -8.78
C GLY B 512 -42.42 -17.79 -9.10
N ILE B 513 -41.52 -17.52 -8.16
CA ILE B 513 -40.10 -17.86 -8.34
C ILE B 513 -39.77 -19.14 -7.57
N ARG B 514 -39.11 -20.06 -8.26
CA ARG B 514 -38.59 -21.30 -7.65
C ARG B 514 -37.41 -21.88 -8.44
N ASN B 515 -37.36 -23.20 -8.55
CA ASN B 515 -36.32 -23.89 -9.32
C ASN B 515 -36.45 -23.65 -10.81
N GLY B 516 -35.32 -23.31 -11.45
CA GLY B 516 -35.28 -23.12 -12.89
C GLY B 516 -35.49 -21.68 -13.34
N SER B 517 -36.09 -20.88 -12.45
CA SER B 517 -36.36 -19.46 -12.73
C SER B 517 -35.07 -18.67 -12.95
N ARG B 518 -35.16 -17.64 -13.78
CA ARG B 518 -34.01 -16.79 -14.11
C ARG B 518 -34.31 -15.32 -13.84
N LEU B 519 -33.33 -14.61 -13.29
CA LEU B 519 -33.48 -13.20 -12.97
C LEU B 519 -32.48 -12.35 -13.74
N GLN B 520 -32.99 -11.43 -14.56
CA GLN B 520 -32.14 -10.50 -15.30
C GLN B 520 -31.97 -9.22 -14.49
N ALA B 521 -30.83 -9.11 -13.81
CA ALA B 521 -30.54 -7.95 -12.98
C ALA B 521 -29.68 -6.95 -13.74
N ASP B 522 -30.18 -5.73 -13.83
CA ASP B 522 -29.45 -4.64 -14.47
C ASP B 522 -29.02 -3.60 -13.45
N ASP B 523 -27.77 -3.18 -13.52
CA ASP B 523 -27.32 -1.99 -12.83
C ASP B 523 -26.95 -0.96 -13.90
N PHE B 524 -27.88 -0.05 -14.17
CA PHE B 524 -27.70 0.94 -15.24
C PHE B 524 -26.63 1.98 -14.93
N LEU B 525 -26.35 2.19 -13.64
CA LEU B 525 -25.26 3.05 -13.22
C LEU B 525 -23.93 2.40 -13.59
N GLN B 526 -23.79 1.12 -13.27
CA GLN B 526 -22.58 0.35 -13.59
C GLN B 526 -22.52 -0.07 -15.06
N ASP B 527 -23.65 0.06 -15.76
CA ASP B 527 -23.79 -0.39 -17.15
C ASP B 527 -23.45 -1.88 -17.25
N TYR B 528 -24.24 -2.70 -16.55
CA TYR B 528 -23.89 -4.10 -16.32
C TYR B 528 -25.12 -4.99 -16.16
N THR B 529 -25.20 -6.03 -16.98
CA THR B 529 -26.29 -7.01 -16.93
C THR B 529 -25.78 -8.34 -16.38
N LEU B 530 -26.48 -8.88 -15.39
CA LEU B 530 -26.15 -10.19 -14.85
C LEU B 530 -27.37 -11.10 -14.86
N LEU B 531 -27.24 -12.26 -15.48
CA LEU B 531 -28.30 -13.26 -15.51
C LEU B 531 -28.12 -14.22 -14.35
N ILE B 532 -29.13 -14.26 -13.47
CA ILE B 532 -29.05 -15.05 -12.25
C ILE B 532 -29.96 -16.29 -12.31
N ASN B 533 -29.33 -17.46 -12.25
CA ASN B 533 -30.05 -18.73 -12.23
C ASN B 533 -30.41 -19.17 -10.82
N ILE B 534 -31.64 -19.63 -10.65
CA ILE B 534 -32.14 -20.02 -9.33
C ILE B 534 -32.29 -21.52 -9.20
N LEU B 535 -31.71 -22.07 -8.14
CA LEU B 535 -31.94 -23.44 -7.72
C LEU B 535 -32.44 -23.39 -6.28
N HIS B 536 -33.58 -24.03 -6.04
CA HIS B 536 -34.23 -23.96 -4.74
C HIS B 536 -33.85 -25.13 -3.83
N SER B 537 -33.67 -24.82 -2.55
CA SER B 537 -33.37 -25.82 -1.52
C SER B 537 -33.82 -25.32 -0.14
N GLU B 538 -34.71 -26.08 0.49
CA GLU B 538 -35.19 -25.75 1.84
C GLU B 538 -34.15 -26.08 2.91
N ASP B 539 -33.16 -26.87 2.53
CA ASP B 539 -32.06 -27.23 3.43
C ASP B 539 -30.82 -26.44 3.05
N LEU B 540 -30.28 -25.71 4.01
CA LEU B 540 -29.10 -24.87 3.78
C LEU B 540 -28.08 -24.96 4.91
N GLY B 541 -28.57 -25.21 6.12
CA GLY B 541 -27.71 -25.29 7.31
C GLY B 541 -27.95 -24.12 8.26
N LYS B 542 -27.22 -24.11 9.36
CA LYS B 542 -27.35 -23.06 10.36
C LYS B 542 -26.75 -21.74 9.88
N ASP B 543 -27.56 -20.68 9.96
CA ASP B 543 -27.20 -19.32 9.55
C ASP B 543 -26.87 -19.16 8.06
N VAL B 544 -27.49 -20.00 7.22
CA VAL B 544 -27.28 -19.96 5.78
C VAL B 544 -28.56 -19.50 5.07
N GLU B 545 -28.44 -18.49 4.22
CA GLU B 545 -29.58 -17.93 3.50
C GLU B 545 -29.44 -18.11 2.00
N PHE B 546 -28.21 -17.97 1.49
CA PHE B 546 -27.93 -18.11 0.07
C PHE B 546 -26.54 -18.70 -0.16
N GLU B 547 -26.38 -19.44 -1.25
CA GLU B 547 -25.10 -20.01 -1.63
C GLU B 547 -24.83 -19.87 -3.12
N VAL B 548 -23.70 -19.26 -3.45
CA VAL B 548 -23.29 -19.09 -4.84
C VAL B 548 -22.58 -20.35 -5.31
N VAL B 549 -23.00 -20.86 -6.46
CA VAL B 549 -22.51 -22.13 -6.99
C VAL B 549 -21.98 -21.98 -8.41
N GLY B 550 -20.75 -22.46 -8.63
CA GLY B 550 -20.13 -22.43 -9.96
C GLY B 550 -18.66 -22.05 -9.91
N GLU C 39 11.43 -40.59 -11.12
CA GLU C 39 12.19 -39.97 -10.00
C GLU C 39 11.42 -38.85 -9.31
N TYR C 40 11.54 -38.77 -7.99
CA TYR C 40 10.89 -37.74 -7.19
C TYR C 40 11.82 -36.56 -6.93
N ILE C 41 11.21 -35.38 -6.76
CA ILE C 41 11.95 -34.14 -6.52
C ILE C 41 11.29 -33.35 -5.39
N LYS C 42 12.10 -32.94 -4.41
CA LYS C 42 11.64 -32.05 -3.34
C LYS C 42 11.77 -30.59 -3.78
N LEU C 43 10.66 -29.85 -3.69
CA LEU C 43 10.61 -28.46 -4.13
C LEU C 43 10.33 -27.50 -2.97
N LYS C 44 11.00 -26.35 -3.00
CA LYS C 44 10.75 -25.29 -2.02
C LYS C 44 9.72 -24.31 -2.58
N VAL C 45 8.66 -24.06 -1.81
CA VAL C 45 7.64 -23.11 -2.20
C VAL C 45 7.63 -21.92 -1.24
N ILE C 46 8.15 -20.80 -1.72
CA ILE C 46 8.35 -19.61 -0.88
C ILE C 46 7.33 -18.53 -1.20
N GLY C 47 6.61 -18.10 -0.15
CA GLY C 47 5.63 -17.02 -0.27
C GLY C 47 6.26 -15.65 -0.11
N GLN C 48 5.45 -14.61 -0.35
CA GLN C 48 5.91 -13.22 -0.28
C GLN C 48 6.41 -12.80 1.11
N ASP C 49 5.86 -13.42 2.15
CA ASP C 49 6.23 -13.11 3.53
C ASP C 49 7.41 -13.97 4.02
N SER C 50 8.23 -14.43 3.08
CA SER C 50 9.40 -15.27 3.36
C SER C 50 9.05 -16.67 3.88
N SER C 51 7.75 -16.91 4.08
CA SER C 51 7.25 -18.21 4.53
C SER C 51 7.64 -19.32 3.56
N GLU C 52 7.80 -20.53 4.08
CA GLU C 52 8.33 -21.64 3.28
C GLU C 52 7.62 -22.96 3.57
N ILE C 53 7.16 -23.61 2.51
CA ILE C 53 6.61 -24.97 2.60
C ILE C 53 7.32 -25.86 1.59
N HIS C 54 7.73 -27.05 2.04
CA HIS C 54 8.42 -28.02 1.19
C HIS C 54 7.47 -29.10 0.67
N PHE C 55 7.55 -29.37 -0.62
CA PHE C 55 6.75 -30.42 -1.25
C PHE C 55 7.64 -31.49 -1.87
N LYS C 56 7.21 -32.74 -1.79
CA LYS C 56 7.87 -33.84 -2.49
C LYS C 56 6.89 -34.38 -3.52
N VAL C 57 7.20 -34.14 -4.79
CA VAL C 57 6.23 -34.38 -5.88
C VAL C 57 6.85 -35.21 -7.01
N LYS C 58 6.04 -36.08 -7.59
CA LYS C 58 6.41 -36.88 -8.77
C LYS C 58 6.59 -35.95 -9.97
N MET C 59 7.69 -36.14 -10.70
CA MET C 59 8.06 -35.26 -11.82
C MET C 59 7.09 -35.30 -13.01
N THR C 60 6.33 -36.38 -13.12
CA THR C 60 5.35 -36.55 -14.20
C THR C 60 3.94 -36.14 -13.78
N THR C 61 3.76 -35.93 -12.47
CA THR C 61 2.48 -35.49 -11.92
C THR C 61 2.27 -34.00 -12.17
N HIS C 62 1.07 -33.66 -12.59
CA HIS C 62 0.69 -32.27 -12.84
C HIS C 62 0.85 -31.43 -11.57
N LEU C 63 1.26 -30.18 -11.74
CA LEU C 63 1.52 -29.30 -10.61
C LEU C 63 0.26 -28.69 -10.00
N LYS C 64 -0.90 -28.99 -10.60
CA LYS C 64 -2.21 -28.61 -10.05
C LYS C 64 -2.38 -29.15 -8.62
N LYS C 65 -1.87 -30.35 -8.38
CA LYS C 65 -1.91 -30.96 -7.06
C LYS C 65 -1.11 -30.17 -6.01
N LEU C 66 0.06 -29.68 -6.39
CA LEU C 66 0.90 -28.88 -5.51
C LEU C 66 0.20 -27.55 -5.19
N LYS C 67 -0.42 -26.96 -6.22
CA LYS C 67 -1.13 -25.69 -6.09
C LYS C 67 -2.36 -25.80 -5.20
N GLU C 68 -3.16 -26.85 -5.42
CA GLU C 68 -4.39 -27.06 -4.65
C GLU C 68 -4.10 -27.46 -3.20
N SER C 69 -2.94 -28.11 -2.99
CA SER C 69 -2.47 -28.45 -1.66
C SER C 69 -2.03 -27.21 -0.89
N TYR C 70 -1.26 -26.36 -1.56
CA TYR C 70 -0.78 -25.11 -0.96
C TYR C 70 -1.93 -24.16 -0.67
N CYS C 71 -2.88 -24.08 -1.61
CA CYS C 71 -4.09 -23.25 -1.45
C CYS C 71 -4.94 -23.70 -0.26
N GLN C 72 -5.02 -25.01 -0.05
CA GLN C 72 -5.73 -25.57 1.11
C GLN C 72 -5.03 -25.25 2.43
N ARG C 73 -3.70 -25.11 2.39
CA ARG C 73 -2.92 -24.80 3.57
C ARG C 73 -3.08 -23.33 3.97
N GLN C 74 -3.17 -22.46 2.97
CA GLN C 74 -3.39 -21.03 3.19
C GLN C 74 -4.86 -20.67 3.41
N GLY C 75 -5.75 -21.61 3.09
CA GLY C 75 -7.20 -21.41 3.22
C GLY C 75 -7.74 -20.44 2.19
N VAL C 76 -7.24 -20.57 0.95
CA VAL C 76 -7.60 -19.67 -0.14
C VAL C 76 -8.05 -20.46 -1.38
N PRO C 77 -8.92 -19.86 -2.22
CA PRO C 77 -9.42 -20.50 -3.45
C PRO C 77 -8.34 -20.81 -4.51
N MET C 78 -8.68 -21.66 -5.47
CA MET C 78 -7.73 -22.17 -6.46
C MET C 78 -7.00 -21.09 -7.28
N ASN C 79 -7.76 -20.11 -7.78
CA ASN C 79 -7.20 -19.05 -8.63
C ASN C 79 -6.93 -17.75 -7.87
N SER C 80 -6.68 -17.88 -6.57
CA SER C 80 -6.51 -16.71 -5.70
C SER C 80 -5.06 -16.26 -5.58
N LEU C 81 -4.13 -17.16 -5.89
CA LEU C 81 -2.70 -16.86 -5.88
C LEU C 81 -2.09 -17.20 -7.24
N ARG C 82 -0.86 -16.74 -7.46
CA ARG C 82 -0.10 -17.15 -8.65
C ARG C 82 1.24 -17.78 -8.29
N PHE C 83 1.55 -18.87 -8.97
CA PHE C 83 2.74 -19.66 -8.72
C PHE C 83 3.70 -19.51 -9.87
N LEU C 84 4.88 -18.98 -9.61
CA LEU C 84 5.86 -18.75 -10.66
C LEU C 84 7.08 -19.66 -10.50
N PHE C 85 7.61 -20.11 -11.63
CA PHE C 85 8.91 -20.77 -11.67
C PHE C 85 9.72 -20.18 -12.81
N GLU C 86 10.92 -19.71 -12.48
CA GLU C 86 11.79 -18.96 -13.40
C GLU C 86 11.04 -17.81 -14.07
N GLY C 87 10.13 -17.19 -13.33
CA GLY C 87 9.33 -16.08 -13.83
C GLY C 87 8.11 -16.48 -14.65
N GLN C 88 8.00 -17.77 -14.98
CA GLN C 88 6.87 -18.27 -15.76
C GLN C 88 5.75 -18.72 -14.82
N ARG C 89 4.51 -18.42 -15.21
CA ARG C 89 3.33 -18.86 -14.47
C ARG C 89 3.10 -20.36 -14.60
N ILE C 90 3.01 -21.05 -13.47
CA ILE C 90 2.79 -22.49 -13.44
C ILE C 90 1.31 -22.84 -13.65
N ALA C 91 1.00 -23.40 -14.82
CA ALA C 91 -0.35 -23.82 -15.17
C ALA C 91 -0.73 -25.17 -14.54
N ASP C 92 -2.02 -25.42 -14.42
CA ASP C 92 -2.56 -26.63 -13.79
C ASP C 92 -1.98 -27.93 -14.35
N ASN C 93 -1.84 -27.99 -15.68
CA ASN C 93 -1.33 -29.19 -16.34
C ASN C 93 0.20 -29.23 -16.54
N HIS C 94 0.90 -28.27 -15.94
CA HIS C 94 2.37 -28.25 -15.97
C HIS C 94 2.95 -29.30 -15.03
N THR C 95 4.09 -29.86 -15.43
CA THR C 95 4.81 -30.84 -14.62
C THR C 95 6.26 -30.40 -14.42
N PRO C 96 6.92 -30.87 -13.34
CA PRO C 96 8.34 -30.57 -13.13
C PRO C 96 9.24 -31.01 -14.29
N LYS C 97 8.92 -32.16 -14.90
CA LYS C 97 9.67 -32.67 -16.05
C LYS C 97 9.59 -31.74 -17.25
N GLU C 98 8.38 -31.29 -17.58
CA GLU C 98 8.14 -30.38 -18.69
C GLU C 98 8.79 -29.01 -18.48
N LEU C 99 8.90 -28.61 -17.21
CA LEU C 99 9.48 -27.31 -16.87
C LEU C 99 10.94 -27.43 -16.43
N GLY C 100 11.54 -28.60 -16.64
CA GLY C 100 12.94 -28.84 -16.30
C GLY C 100 13.31 -28.44 -14.88
N MET C 101 12.46 -28.81 -13.92
CA MET C 101 12.68 -28.49 -12.52
C MET C 101 13.72 -29.40 -11.88
N GLU C 102 14.66 -28.79 -11.16
CA GLU C 102 15.75 -29.51 -10.50
C GLU C 102 15.39 -29.79 -9.04
N GLU C 103 16.21 -30.62 -8.39
CA GLU C 103 16.08 -30.88 -6.96
C GLU C 103 16.35 -29.59 -6.17
N GLU C 104 15.43 -29.28 -5.25
CA GLU C 104 15.55 -28.13 -4.34
C GLU C 104 15.26 -26.77 -5.00
N ASP C 105 14.67 -26.80 -6.20
CA ASP C 105 14.28 -25.57 -6.91
C ASP C 105 13.16 -24.83 -6.20
N VAL C 106 13.12 -23.51 -6.39
CA VAL C 106 12.16 -22.65 -5.71
C VAL C 106 10.96 -22.30 -6.60
N ILE C 107 9.76 -22.50 -6.04
CA ILE C 107 8.53 -21.99 -6.62
C ILE C 107 8.11 -20.77 -5.80
N GLU C 108 7.82 -19.67 -6.48
CA GLU C 108 7.44 -18.42 -5.82
C GLU C 108 5.93 -18.23 -5.83
N VAL C 109 5.38 -17.89 -4.66
CA VAL C 109 3.96 -17.61 -4.54
C VAL C 109 3.73 -16.11 -4.41
N TYR C 110 2.73 -15.60 -5.13
CA TYR C 110 2.34 -14.21 -5.03
C TYR C 110 0.85 -14.07 -4.78
N GLN C 111 0.51 -13.18 -3.86
CA GLN C 111 -0.87 -13.00 -3.41
C GLN C 111 -1.22 -11.52 -3.39
N GLU C 112 -2.36 -11.20 -3.99
CA GLU C 112 -2.86 -9.84 -4.05
C GLU C 112 -3.22 -9.33 -2.65
N GLN C 113 -2.84 -8.10 -2.35
CA GLN C 113 -3.18 -7.45 -1.08
C GLN C 113 -4.32 -6.47 -1.32
N CYS C 114 -5.35 -6.57 -0.50
CA CYS C 114 -6.54 -5.73 -0.68
C CYS C 114 -6.56 -4.54 0.29
N GLY C 115 -5.54 -4.45 1.13
CA GLY C 115 -5.43 -3.35 2.08
C GLY C 115 -4.95 -2.06 1.45
#